data_7Q2J
#
_entry.id   7Q2J
#
_cell.length_a   47.702
_cell.length_b   190.809
_cell.length_c   48.698
_cell.angle_alpha   90.000
_cell.angle_beta   115.250
_cell.angle_gamma   90.000
#
_symmetry.space_group_name_H-M   'P 1 21 1'
#
loop_
_entity.id
_entity.type
_entity.pdbx_description
1 polymer Elongin-B
2 polymer Elongin-C
3 polymer 'von Hippel-Lindau disease tumor suppressor'
4 polymer 'WD repeat-containing protein 5'
5 non-polymer N-[5-[4-[[5-[[(2S)-3,3-dimethyl-1-[(2S,4R)-2-[[4-(4-methyl-1,3-thiazol-5-yl)phenyl]methylcarbamoyl]-4-oxidanyl-pyrrolidin-1-yl]-1-oxidanylidene-butan-2-yl]amino]-5-oxidanylidene-pentyl]carbamoyl]phenyl]-2-(4-methylpiperazin-1-yl)phenyl]-6-oxidanylidene-4-(trifluoromethyl)-1H-pyridine-3-carboxamide
6 water water
#
loop_
_entity_poly.entity_id
_entity_poly.type
_entity_poly.pdbx_seq_one_letter_code
_entity_poly.pdbx_strand_id
1 'polypeptide(L)'
;MDVFLMIRRHKTTIFTDAKESSTVFELKRIVEGILKRPPDEQRLYKDDQLLDDGKTLGECGFTSQTARPQAPATVGLAFR
ADDTFEALCIEPFSSPPELPDVMK
;
A
2 'polypeptide(L)'
;MMYVKLISSDGHEFIVKREHALTSGTIKAMLSGPGQFAENETNEVNFREIPSHVLSKVCMYFTYKVRYTNSSTEIPEFPI
APEIALELLMAANFLDC
;
B
3 'polypeptide(L)'
;MNTIHHHHHHNTSGSGGGGGRLVPRGSMSENLYFQGSMEAGRPRPVLRSVNSREPSQVIFCNRSPRVVLPVWLNFDGEPQ
PYPTLPPGTGRRIHSYRGHLWLFRDAGTHDGLLVNQTELFVPSLNVDGQPIFANITLPVYTLKERCLQVVRSLVKPENYR
RLDIVRSLYEDLEDHPNVQKDLERLTQERIAHQRMGD
;
C
4 'polypeptide(L)'
;GTQSKPTPVKPNYALKFTLAGHTKAVSSVKFSPNGEWLASSSADKLIKIWGAYDGKFEKTISGHKLGISDVAWSSDSNLL
VSASDDKTLKIWDVSSGKCLKTLKGHSNYVFCCNFNPQSNLIVSGSFDESVRIWDVKTGKCLKTLPAHSDPVSAVHFNRD
GSLIVSSSYDGLCRIWDTASGQCLKTLIDDDNPPVSFVKFSPNGKYILAATLDNTLKLWDYSKGKCLKTYTGHKNEKYCI
FANFSVTGGKWIVSGSEDNLVYIWNLQTKEIVQKLQGHTDVVISTACHPTENIIASAALENDKTIKLWKSDC
;
D
#
# COMPACT_ATOMS: atom_id res chain seq x y z
N MET A 1 27.34 -25.61 4.97
CA MET A 1 26.97 -24.91 6.23
C MET A 1 28.19 -24.14 6.75
N ASP A 2 27.99 -23.28 7.75
CA ASP A 2 29.08 -22.56 8.47
C ASP A 2 28.78 -22.69 9.97
N VAL A 3 29.81 -22.64 10.81
CA VAL A 3 29.69 -22.68 12.30
C VAL A 3 30.45 -21.50 12.90
N PHE A 4 29.87 -20.91 13.94
CA PHE A 4 30.38 -19.70 14.60
C PHE A 4 30.68 -20.02 16.07
N LEU A 5 31.93 -19.76 16.47
CA LEU A 5 32.52 -20.31 17.71
C LEU A 5 33.12 -19.19 18.54
N MET A 6 33.06 -19.37 19.87
CA MET A 6 33.90 -18.70 20.91
C MET A 6 34.88 -19.74 21.46
N ILE A 7 36.16 -19.63 21.12
CA ILE A 7 37.24 -20.50 21.67
C ILE A 7 37.83 -19.81 22.90
N ARG A 8 37.47 -20.28 24.10
CA ARG A 8 37.75 -19.59 25.39
C ARG A 8 38.86 -20.30 26.19
N ARG A 9 39.61 -19.51 26.96
CA ARG A 9 40.64 -20.00 27.92
C ARG A 9 40.91 -18.89 28.93
N HIS A 10 40.61 -19.15 30.21
CA HIS A 10 40.78 -18.18 31.32
C HIS A 10 39.94 -16.95 30.99
N LYS A 11 40.60 -15.80 30.80
CA LYS A 11 39.96 -14.48 30.50
C LYS A 11 40.17 -14.11 29.02
N THR A 12 40.77 -15.01 28.24
CA THR A 12 40.81 -14.90 26.75
C THR A 12 39.56 -15.58 26.17
N THR A 13 39.15 -15.11 24.99
CA THR A 13 38.00 -15.59 24.16
C THR A 13 38.30 -15.22 22.70
N ILE A 14 38.41 -16.20 21.81
CA ILE A 14 38.61 -15.97 20.35
C ILE A 14 37.27 -16.16 19.64
N PHE A 15 36.81 -15.13 18.94
CA PHE A 15 35.71 -15.18 17.95
C PHE A 15 36.27 -15.68 16.62
N THR A 16 35.72 -16.79 16.12
CA THR A 16 36.08 -17.35 14.81
C THR A 16 34.97 -18.25 14.30
N ASP A 17 35.05 -18.55 12.99
CA ASP A 17 34.06 -19.32 12.21
C ASP A 17 34.83 -20.41 11.47
N ALA A 18 34.12 -21.44 11.03
CA ALA A 18 34.64 -22.51 10.15
C ALA A 18 33.44 -23.26 9.58
N LYS A 19 33.71 -24.25 8.72
CA LYS A 19 32.71 -25.14 8.08
C LYS A 19 32.37 -26.30 9.03
N GLU A 20 31.09 -26.69 9.15
CA GLU A 20 30.64 -27.96 9.78
C GLU A 20 31.56 -29.11 9.34
N SER A 21 31.99 -29.06 8.08
CA SER A 21 32.87 -30.04 7.42
C SER A 21 34.35 -29.81 7.75
N SER A 22 34.67 -29.23 8.91
CA SER A 22 36.07 -28.96 9.32
C SER A 22 36.47 -29.94 10.41
N THR A 23 37.70 -30.48 10.33
CA THR A 23 38.34 -31.31 11.38
C THR A 23 38.73 -30.40 12.55
N VAL A 24 38.72 -30.93 13.77
CA VAL A 24 39.13 -30.16 14.98
C VAL A 24 40.65 -29.90 14.90
N PHE A 25 41.41 -30.60 14.05
CA PHE A 25 42.83 -30.26 13.74
C PHE A 25 42.88 -28.92 12.96
N GLU A 26 41.92 -28.70 12.07
CA GLU A 26 41.79 -27.44 11.28
C GLU A 26 41.58 -26.26 12.24
N LEU A 27 40.71 -26.45 13.24
CA LEU A 27 40.34 -25.41 14.24
C LEU A 27 41.57 -25.01 15.08
N LYS A 28 42.55 -25.92 15.21
CA LYS A 28 43.79 -25.71 16.02
C LYS A 28 44.85 -25.00 15.18
N ARG A 29 44.83 -25.18 13.85
CA ARG A 29 45.76 -24.46 12.93
C ARG A 29 45.35 -22.98 12.90
N ILE A 30 44.05 -22.68 13.11
CA ILE A 30 43.52 -21.29 13.26
C ILE A 30 44.09 -20.71 14.57
N VAL A 31 43.83 -21.38 15.69
CA VAL A 31 44.33 -21.00 17.05
C VAL A 31 45.86 -20.86 17.01
N GLU A 32 46.57 -21.75 16.32
CA GLU A 32 48.05 -21.65 16.14
C GLU A 32 48.40 -20.28 15.52
N GLY A 33 47.59 -19.82 14.57
CA GLY A 33 47.79 -18.50 13.91
C GLY A 33 47.82 -17.38 14.95
N ILE A 34 46.79 -17.34 15.81
CA ILE A 34 46.50 -16.23 16.77
C ILE A 34 47.44 -16.32 17.98
N LEU A 35 47.48 -17.45 18.69
CA LEU A 35 48.12 -17.58 20.02
C LEU A 35 49.58 -18.05 19.89
N LYS A 36 49.99 -18.50 18.71
CA LYS A 36 51.38 -18.93 18.33
C LYS A 36 51.78 -20.22 19.06
N ARG A 37 50.81 -21.10 19.35
CA ARG A 37 51.06 -22.41 20.03
C ARG A 37 50.48 -23.54 19.17
N PRO A 38 51.35 -24.45 18.66
CA PRO A 38 50.92 -25.44 17.68
C PRO A 38 49.92 -26.45 18.24
N PRO A 39 49.23 -27.22 17.36
CA PRO A 39 48.07 -28.03 17.75
C PRO A 39 48.34 -29.19 18.71
N ASP A 40 49.53 -29.80 18.62
CA ASP A 40 50.01 -30.83 19.57
C ASP A 40 49.88 -30.29 20.99
N GLU A 41 50.21 -29.00 21.17
CA GLU A 41 50.24 -28.31 22.49
C GLU A 41 48.84 -27.80 22.91
N GLN A 42 47.80 -28.05 22.11
CA GLN A 42 46.40 -27.60 22.40
C GLN A 42 45.51 -28.80 22.73
N ARG A 43 44.53 -28.60 23.62
CA ARG A 43 43.47 -29.59 23.95
C ARG A 43 42.12 -28.87 23.91
N LEU A 44 41.30 -29.11 22.89
CA LEU A 44 39.96 -28.45 22.70
C LEU A 44 38.86 -29.35 23.27
N TYR A 45 37.85 -28.75 23.90
CA TYR A 45 36.77 -29.51 24.60
C TYR A 45 35.41 -28.91 24.27
N LYS A 46 34.40 -29.75 24.11
CA LYS A 46 32.98 -29.33 24.06
C LYS A 46 32.40 -29.49 25.46
N ASP A 47 32.38 -28.41 26.25
CA ASP A 47 32.00 -28.44 27.67
C ASP A 47 33.14 -29.15 28.42
N ASP A 48 33.15 -30.49 28.48
CA ASP A 48 34.18 -31.25 29.23
C ASP A 48 34.58 -32.54 28.47
N GLN A 49 34.34 -32.62 27.17
CA GLN A 49 34.73 -33.76 26.32
C GLN A 49 35.91 -33.33 25.42
N LEU A 50 37.11 -33.86 25.66
CA LEU A 50 38.27 -33.69 24.74
C LEU A 50 37.85 -34.06 23.32
N LEU A 51 38.22 -33.26 22.31
CA LEU A 51 37.81 -33.46 20.90
C LEU A 51 38.98 -34.10 20.13
N ASP A 52 38.69 -35.13 19.34
CA ASP A 52 39.70 -35.95 18.62
C ASP A 52 40.07 -35.20 17.34
N ASP A 53 41.37 -35.01 17.10
CA ASP A 53 41.92 -34.15 16.01
C ASP A 53 41.33 -34.52 14.65
N GLY A 54 40.88 -35.78 14.47
CA GLY A 54 40.40 -36.33 13.19
C GLY A 54 38.91 -36.07 12.94
N LYS A 55 38.11 -35.92 14.01
CA LYS A 55 36.63 -35.70 13.94
C LYS A 55 36.31 -34.35 13.25
N THR A 56 35.15 -34.28 12.59
CA THR A 56 34.60 -33.04 11.99
C THR A 56 33.90 -32.23 13.09
N LEU A 57 33.75 -30.92 12.88
CA LEU A 57 33.11 -30.00 13.85
C LEU A 57 31.65 -30.40 14.04
N GLY A 58 30.97 -30.78 12.95
CA GLY A 58 29.58 -31.28 12.96
C GLY A 58 29.49 -32.62 13.68
N GLU A 59 30.52 -33.46 13.53
CA GLU A 59 30.69 -34.75 14.23
C GLU A 59 30.42 -34.54 15.73
N CYS A 60 31.11 -33.55 16.33
CA CYS A 60 31.18 -33.30 17.79
C CYS A 60 29.86 -32.68 18.32
N GLY A 61 29.00 -32.19 17.44
CA GLY A 61 27.69 -31.60 17.80
C GLY A 61 27.63 -30.11 17.55
N PHE A 62 28.56 -29.59 16.75
CA PHE A 62 28.58 -28.18 16.31
C PHE A 62 27.83 -28.04 14.98
N THR A 63 26.52 -27.81 15.05
CA THR A 63 25.65 -27.55 13.87
C THR A 63 25.64 -26.06 13.57
N SER A 64 25.08 -25.67 12.43
CA SER A 64 24.77 -24.27 12.06
C SER A 64 23.52 -23.81 12.82
N GLN A 65 22.75 -24.74 13.38
CA GLN A 65 21.54 -24.43 14.22
C GLN A 65 21.98 -24.19 15.67
N THR A 66 23.19 -24.59 16.06
CA THR A 66 23.69 -24.47 17.47
C THR A 66 24.81 -23.44 17.56
N ALA A 67 25.47 -23.12 16.44
CA ALA A 67 26.70 -22.30 16.39
C ALA A 67 26.51 -21.15 15.39
N ARG A 68 25.46 -20.35 15.59
CA ARG A 68 25.11 -19.19 14.72
C ARG A 68 26.03 -18.01 15.04
N PRO A 69 26.13 -17.02 14.12
CA PRO A 69 26.87 -15.79 14.38
C PRO A 69 26.39 -15.01 15.63
N GLN A 70 25.08 -14.97 15.85
CA GLN A 70 24.45 -14.16 16.93
C GLN A 70 24.50 -14.87 18.27
N ALA A 71 24.88 -16.15 18.30
CA ALA A 71 24.87 -16.99 19.52
C ALA A 71 25.81 -18.18 19.33
N PRO A 72 27.13 -17.92 19.19
CA PRO A 72 28.07 -18.98 18.79
C PRO A 72 28.29 -20.00 19.91
N ALA A 73 28.59 -21.24 19.54
CA ALA A 73 28.89 -22.34 20.49
C ALA A 73 30.26 -22.08 21.12
N THR A 74 30.42 -22.42 22.41
CA THR A 74 31.70 -22.25 23.15
C THR A 74 32.61 -23.48 22.98
N VAL A 75 33.90 -23.25 22.89
CA VAL A 75 34.94 -24.31 22.75
C VAL A 75 36.02 -24.04 23.79
N GLY A 76 36.07 -24.90 24.83
CA GLY A 76 37.12 -24.92 25.87
C GLY A 76 38.52 -25.09 25.27
N LEU A 77 39.50 -24.35 25.80
CA LEU A 77 40.93 -24.45 25.40
C LEU A 77 41.79 -24.58 26.64
N ALA A 78 42.53 -25.67 26.76
CA ALA A 78 43.67 -25.81 27.69
C ALA A 78 44.92 -26.14 26.89
N PHE A 79 46.09 -25.82 27.42
CA PHE A 79 47.41 -26.13 26.79
C PHE A 79 48.09 -27.34 27.46
N ARG A 80 49.18 -27.78 26.80
CA ARG A 80 50.04 -28.93 27.18
C ARG A 80 51.48 -28.60 26.78
N ALA A 81 52.44 -29.03 27.58
CA ALA A 81 53.89 -28.85 27.33
C ALA A 81 54.63 -30.12 27.79
N ASP A 82 55.07 -30.95 26.85
CA ASP A 82 55.71 -32.27 27.15
C ASP A 82 54.74 -33.09 28.01
N ASP A 83 55.14 -33.42 29.25
CA ASP A 83 54.38 -34.33 30.15
C ASP A 83 53.53 -33.52 31.15
N THR A 84 53.44 -32.20 30.99
CA THR A 84 52.67 -31.30 31.90
C THR A 84 51.44 -30.76 31.14
N PHE A 85 50.26 -30.83 31.79
CA PHE A 85 48.89 -30.71 31.22
C PHE A 85 48.08 -29.64 31.95
N GLU A 86 48.09 -28.40 31.43
CA GLU A 86 47.25 -27.29 31.96
C GLU A 86 45.79 -27.72 31.97
N ALA A 87 45.11 -27.50 33.10
CA ALA A 87 43.68 -27.85 33.33
C ALA A 87 42.79 -26.82 32.63
N LEU A 88 41.67 -27.29 32.06
CA LEU A 88 40.66 -26.42 31.41
C LEU A 88 40.04 -25.51 32.47
N CYS A 89 40.20 -24.20 32.30
CA CYS A 89 39.63 -23.16 33.21
C CYS A 89 39.12 -22.00 32.34
N ILE A 90 37.80 -21.78 32.36
CA ILE A 90 37.08 -20.73 31.59
C ILE A 90 36.47 -19.74 32.59
N GLU A 91 36.99 -18.52 32.68
CA GLU A 91 36.51 -17.49 33.64
C GLU A 91 35.14 -17.00 33.20
N PRO A 92 34.07 -17.13 34.01
CA PRO A 92 32.75 -16.64 33.61
C PRO A 92 32.73 -15.12 33.38
N PHE A 93 31.87 -14.67 32.47
CA PHE A 93 31.66 -13.23 32.15
C PHE A 93 30.96 -12.55 33.33
N SER A 94 31.07 -11.21 33.36
CA SER A 94 30.39 -10.33 34.33
C SER A 94 28.90 -10.66 34.39
N SER A 95 28.20 -10.11 35.37
CA SER A 95 26.74 -10.28 35.53
C SER A 95 26.06 -8.98 35.15
N PRO A 96 24.78 -9.00 34.73
CA PRO A 96 24.00 -7.77 34.58
C PRO A 96 23.45 -7.33 35.94
N PRO A 97 22.93 -6.09 36.05
CA PRO A 97 22.15 -5.70 37.23
C PRO A 97 20.84 -6.51 37.27
N GLU A 98 20.02 -6.32 38.31
CA GLU A 98 18.61 -6.77 38.30
C GLU A 98 17.87 -5.89 37.28
N LEU A 99 16.96 -6.48 36.49
CA LEU A 99 16.09 -5.74 35.55
C LEU A 99 15.42 -4.61 36.32
N PRO A 100 15.62 -3.32 35.95
CA PRO A 100 14.87 -2.22 36.56
C PRO A 100 13.36 -2.48 36.66
N ASP A 101 12.73 -1.95 37.71
CA ASP A 101 11.31 -2.25 38.09
C ASP A 101 10.38 -1.87 36.94
N VAL A 102 10.76 -0.89 36.11
CA VAL A 102 9.97 -0.39 34.95
C VAL A 102 9.76 -1.51 33.92
N MET A 103 10.67 -2.50 33.87
CA MET A 103 10.61 -3.65 32.91
C MET A 103 10.13 -4.89 33.68
N MET B 1 45.53 -13.14 8.25
CA MET B 1 44.28 -12.38 8.55
C MET B 1 44.46 -11.63 9.86
N MET B 2 44.11 -10.33 9.87
CA MET B 2 44.44 -9.40 10.98
C MET B 2 43.36 -9.49 12.07
N TYR B 3 43.78 -9.69 13.31
CA TYR B 3 42.93 -9.78 14.53
C TYR B 3 43.20 -8.54 15.39
N VAL B 4 42.36 -8.29 16.40
CA VAL B 4 42.58 -7.22 17.42
C VAL B 4 42.11 -7.75 18.79
N LYS B 5 42.61 -7.19 19.89
CA LYS B 5 42.18 -7.56 21.27
C LYS B 5 41.28 -6.45 21.81
N LEU B 6 39.99 -6.72 21.99
CA LEU B 6 39.05 -5.85 22.73
C LEU B 6 39.01 -6.36 24.17
N ILE B 7 39.46 -5.54 25.12
CA ILE B 7 39.54 -5.92 26.57
C ILE B 7 38.39 -5.24 27.31
N SER B 8 37.58 -6.00 28.03
CA SER B 8 36.45 -5.45 28.83
C SER B 8 36.98 -4.74 30.08
N SER B 9 36.08 -4.15 30.87
CA SER B 9 36.37 -3.43 32.13
C SER B 9 36.86 -4.43 33.17
N ASP B 10 36.21 -5.60 33.23
CA ASP B 10 36.54 -6.70 34.18
C ASP B 10 37.70 -7.52 33.61
N GLY B 11 38.26 -7.10 32.47
CA GLY B 11 39.60 -7.49 32.01
C GLY B 11 39.61 -8.76 31.16
N HIS B 12 38.43 -9.23 30.71
CA HIS B 12 38.28 -10.27 29.66
C HIS B 12 38.84 -9.75 28.33
N GLU B 13 39.74 -10.49 27.70
CA GLU B 13 40.26 -10.14 26.36
C GLU B 13 39.36 -10.89 25.37
N PHE B 14 39.02 -10.25 24.25
CA PHE B 14 38.25 -10.86 23.14
C PHE B 14 38.99 -10.58 21.84
N ILE B 15 39.38 -11.63 21.12
CA ILE B 15 40.11 -11.50 19.83
C ILE B 15 39.10 -11.71 18.69
N VAL B 16 38.82 -10.65 17.94
CA VAL B 16 37.93 -10.62 16.75
C VAL B 16 38.79 -10.17 15.56
N LYS B 17 38.37 -10.48 14.34
CA LYS B 17 39.11 -10.08 13.10
C LYS B 17 39.05 -8.56 13.01
N ARG B 18 40.09 -7.92 12.48
CA ARG B 18 40.16 -6.44 12.38
C ARG B 18 38.83 -5.94 11.80
N GLU B 19 38.46 -6.46 10.62
CA GLU B 19 37.22 -6.12 9.87
C GLU B 19 36.03 -6.07 10.85
N HIS B 20 35.66 -7.21 11.44
CA HIS B 20 34.47 -7.37 12.31
C HIS B 20 34.41 -6.20 13.32
N ALA B 21 35.57 -5.77 13.84
CA ALA B 21 35.71 -4.75 14.91
C ALA B 21 35.48 -3.35 14.35
N LEU B 22 36.09 -3.04 13.20
CA LEU B 22 35.97 -1.75 12.47
C LEU B 22 34.49 -1.45 12.14
N THR B 23 33.58 -2.41 12.37
CA THR B 23 32.12 -2.16 12.33
C THR B 23 31.78 -0.95 13.24
N SER B 24 32.60 -0.67 14.26
CA SER B 24 32.51 0.59 15.07
C SER B 24 33.56 1.61 14.62
N GLY B 25 33.12 2.82 14.28
CA GLY B 25 34.02 3.97 14.06
C GLY B 25 34.75 4.33 15.36
N THR B 26 34.04 4.28 16.48
CA THR B 26 34.61 4.55 17.83
C THR B 26 35.88 3.71 17.98
N ILE B 27 35.79 2.41 17.67
CA ILE B 27 36.93 1.46 17.79
C ILE B 27 37.94 1.77 16.68
N LYS B 28 37.49 2.12 15.48
CA LYS B 28 38.40 2.43 14.35
C LYS B 28 39.44 3.45 14.85
N ALA B 29 38.96 4.45 15.60
CA ALA B 29 39.73 5.60 16.12
C ALA B 29 40.67 5.15 17.24
N MET B 30 40.11 4.54 18.30
CA MET B 30 40.87 3.90 19.40
C MET B 30 42.07 3.12 18.84
N LEU B 31 41.95 2.52 17.66
CA LEU B 31 43.07 1.80 16.96
C LEU B 31 43.90 2.79 16.13
N SER B 32 43.22 3.67 15.39
CA SER B 32 43.85 4.74 14.54
C SER B 32 44.32 5.90 15.43
N THR B 42 46.62 0.14 19.52
CA THR B 42 47.62 -0.69 18.75
C THR B 42 47.23 -2.17 18.84
N ASN B 43 46.25 -2.62 18.03
CA ASN B 43 45.80 -4.04 17.99
C ASN B 43 45.12 -4.40 19.32
N GLU B 44 45.13 -3.48 20.30
CA GLU B 44 44.47 -3.66 21.61
C GLU B 44 43.65 -2.41 21.92
N VAL B 45 42.54 -2.59 22.64
CA VAL B 45 41.60 -1.49 22.99
C VAL B 45 41.05 -1.77 24.39
N ASN B 46 41.12 -0.78 25.27
CA ASN B 46 40.60 -0.89 26.66
C ASN B 46 39.29 -0.11 26.75
N PHE B 47 38.32 -0.70 27.45
CA PHE B 47 36.96 -0.15 27.67
C PHE B 47 36.73 -0.05 29.18
N ARG B 48 36.83 1.17 29.74
CA ARG B 48 36.64 1.42 31.20
C ARG B 48 35.20 1.09 31.62
N GLU B 49 34.23 1.31 30.73
CA GLU B 49 32.79 1.36 31.06
C GLU B 49 32.10 0.02 30.75
N ILE B 50 32.68 -0.78 29.85
CA ILE B 50 32.01 -1.95 29.18
C ILE B 50 32.44 -3.27 29.82
N PRO B 51 31.55 -3.95 30.58
CA PRO B 51 31.91 -5.21 31.21
C PRO B 51 31.79 -6.38 30.22
N SER B 52 32.51 -7.47 30.48
CA SER B 52 32.61 -8.69 29.63
C SER B 52 31.23 -9.08 29.06
N HIS B 53 30.24 -9.30 29.92
CA HIS B 53 28.91 -9.83 29.50
C HIS B 53 28.40 -9.00 28.34
N VAL B 54 28.63 -7.68 28.36
CA VAL B 54 28.18 -6.74 27.29
C VAL B 54 29.17 -6.81 26.10
N LEU B 55 30.48 -6.73 26.34
CA LEU B 55 31.47 -6.71 25.22
C LEU B 55 31.49 -8.07 24.51
N SER B 56 30.99 -9.14 25.15
CA SER B 56 30.83 -10.46 24.50
C SER B 56 29.75 -10.33 23.40
N LYS B 57 28.56 -9.85 23.77
CA LYS B 57 27.41 -9.61 22.84
C LYS B 57 27.82 -8.64 21.73
N VAL B 58 28.64 -7.63 22.01
CA VAL B 58 29.00 -6.62 20.97
C VAL B 58 29.87 -7.29 19.92
N CYS B 59 30.66 -8.29 20.31
CA CYS B 59 31.54 -9.06 19.38
C CYS B 59 30.67 -10.04 18.59
N MET B 60 29.66 -10.61 19.24
CA MET B 60 28.67 -11.47 18.55
C MET B 60 27.98 -10.60 17.50
N TYR B 61 27.44 -9.43 17.89
CA TYR B 61 26.83 -8.48 16.94
C TYR B 61 27.75 -8.26 15.74
N PHE B 62 29.05 -8.00 15.93
CA PHE B 62 30.00 -7.77 14.79
C PHE B 62 29.99 -8.98 13.86
N THR B 63 30.28 -10.20 14.35
CA THR B 63 30.30 -11.42 13.50
C THR B 63 29.00 -11.47 12.69
N TYR B 64 27.86 -11.31 13.37
CA TYR B 64 26.48 -11.30 12.82
C TYR B 64 26.35 -10.26 11.69
N LYS B 65 26.65 -9.00 12.00
CA LYS B 65 26.61 -7.89 11.02
C LYS B 65 27.38 -8.33 9.78
N VAL B 66 28.63 -8.77 9.89
CA VAL B 66 29.52 -9.00 8.71
C VAL B 66 28.99 -10.18 7.89
N ARG B 67 28.35 -11.15 8.54
CA ARG B 67 27.87 -12.39 7.87
C ARG B 67 26.68 -12.03 7.00
N TYR B 68 25.61 -11.56 7.64
CA TYR B 68 24.24 -11.41 7.08
C TYR B 68 24.07 -10.08 6.31
N THR B 69 25.09 -9.23 6.23
CA THR B 69 25.05 -7.96 5.42
C THR B 69 25.28 -8.35 3.95
N ASN B 70 24.39 -7.93 3.05
CA ASN B 70 24.48 -8.19 1.59
C ASN B 70 24.47 -9.70 1.36
N SER B 71 23.50 -10.40 1.94
CA SER B 71 23.29 -11.86 1.77
C SER B 71 21.85 -12.07 1.30
N SER B 72 21.69 -12.70 0.13
CA SER B 72 20.36 -13.00 -0.47
C SER B 72 19.55 -13.90 0.47
N THR B 73 20.18 -14.44 1.51
CA THR B 73 19.56 -15.41 2.45
C THR B 73 18.51 -14.72 3.35
N GLU B 74 17.57 -15.52 3.84
CA GLU B 74 16.66 -15.17 4.97
C GLU B 74 17.57 -14.76 6.13
N ILE B 75 17.31 -13.61 6.75
CA ILE B 75 18.16 -13.07 7.84
C ILE B 75 17.43 -13.29 9.15
N PRO B 76 18.14 -13.79 10.20
CA PRO B 76 17.52 -14.08 11.49
C PRO B 76 17.54 -12.88 12.44
N GLU B 77 16.60 -12.87 13.38
CA GLU B 77 16.51 -11.84 14.46
C GLU B 77 17.80 -11.91 15.28
N PHE B 78 18.42 -10.76 15.56
CA PHE B 78 19.55 -10.64 16.54
C PHE B 78 18.97 -10.51 17.95
N PRO B 79 19.18 -11.48 18.86
CA PRO B 79 18.49 -11.51 20.15
C PRO B 79 19.21 -10.75 21.27
N ILE B 80 18.42 -10.13 22.14
CA ILE B 80 18.87 -9.32 23.32
C ILE B 80 17.93 -9.65 24.48
N ALA B 81 18.43 -10.39 25.47
CA ALA B 81 17.73 -10.63 26.76
C ALA B 81 17.44 -9.28 27.41
N PRO B 82 16.24 -9.07 27.98
CA PRO B 82 15.94 -7.86 28.75
C PRO B 82 17.08 -7.41 29.68
N GLU B 83 17.60 -8.37 30.44
CA GLU B 83 18.62 -8.19 31.51
C GLU B 83 19.80 -7.33 31.02
N ILE B 84 20.16 -7.36 29.73
CA ILE B 84 21.41 -6.69 29.23
C ILE B 84 21.07 -5.58 28.22
N ALA B 85 19.79 -5.31 27.96
CA ALA B 85 19.33 -4.40 26.88
C ALA B 85 19.86 -2.99 27.09
N LEU B 86 19.69 -2.43 28.29
CA LEU B 86 20.07 -1.03 28.61
C LEU B 86 21.59 -0.86 28.43
N GLU B 87 22.40 -1.74 29.02
CA GLU B 87 23.88 -1.60 28.96
C GLU B 87 24.33 -1.72 27.49
N LEU B 88 23.92 -2.80 26.82
CA LEU B 88 24.24 -2.99 25.38
C LEU B 88 23.83 -1.72 24.63
N LEU B 89 22.66 -1.16 24.95
CA LEU B 89 22.16 0.07 24.29
C LEU B 89 23.22 1.16 24.42
N MET B 90 23.59 1.47 25.67
CA MET B 90 24.61 2.51 25.96
C MET B 90 25.89 2.21 25.15
N ALA B 91 26.37 0.96 25.26
CA ALA B 91 27.59 0.48 24.57
C ALA B 91 27.49 0.75 23.06
N ALA B 92 26.31 0.46 22.49
CA ALA B 92 26.00 0.64 21.06
C ALA B 92 26.19 2.11 20.70
N ASN B 93 25.57 2.96 21.51
CA ASN B 93 25.60 4.45 21.38
C ASN B 93 27.03 4.98 21.36
N PHE B 94 27.84 4.52 22.31
CA PHE B 94 29.27 4.93 22.44
C PHE B 94 30.02 4.49 21.18
N LEU B 95 29.89 3.21 20.80
CA LEU B 95 30.70 2.60 19.71
C LEU B 95 30.18 3.08 18.36
N ASP B 96 28.90 3.46 18.31
CA ASP B 96 28.23 3.96 17.09
C ASP B 96 28.29 2.85 16.04
N CYS B 97 27.46 1.81 16.24
CA CYS B 97 27.38 0.59 15.40
C CYS B 97 26.00 -0.05 15.58
N PRO C 43 5.26 19.80 -9.28
CA PRO C 43 4.80 18.53 -9.83
C PRO C 43 4.12 17.64 -8.78
N ARG C 44 4.18 16.32 -8.99
CA ARG C 44 3.61 15.31 -8.05
C ARG C 44 4.76 14.74 -7.23
N PRO C 45 4.46 14.10 -6.06
CA PRO C 45 5.49 13.46 -5.23
C PRO C 45 6.35 12.44 -6.01
N VAL C 46 7.58 12.18 -5.58
CA VAL C 46 8.49 11.29 -6.36
C VAL C 46 8.22 9.83 -5.98
N LEU C 47 7.78 9.58 -4.74
CA LEU C 47 7.41 8.23 -4.27
C LEU C 47 5.90 8.05 -4.35
N ARG C 48 5.44 7.59 -5.52
CA ARG C 48 4.02 7.29 -5.80
C ARG C 48 3.92 6.17 -6.83
N SER C 49 2.76 5.53 -6.92
CA SER C 49 2.49 4.49 -7.93
C SER C 49 2.23 5.15 -9.29
N VAL C 50 2.88 4.67 -10.35
CA VAL C 50 2.55 4.96 -11.79
C VAL C 50 1.29 4.16 -12.15
N ASN C 51 0.22 4.84 -12.55
CA ASN C 51 -1.03 4.17 -13.02
C ASN C 51 -0.85 3.68 -14.46
N SER C 52 -0.18 2.54 -14.63
CA SER C 52 0.01 1.89 -15.95
C SER C 52 -1.25 1.10 -16.28
N ARG C 53 -2.03 0.70 -15.26
CA ARG C 53 -3.32 -0.03 -15.38
C ARG C 53 -3.13 -1.45 -15.93
N GLU C 54 -1.88 -1.90 -16.11
CA GLU C 54 -1.50 -3.26 -16.61
C GLU C 54 -1.19 -4.13 -15.40
N PRO C 55 -1.85 -5.30 -15.20
CA PRO C 55 -1.72 -6.03 -13.94
C PRO C 55 -0.41 -6.84 -13.85
N SER C 56 -0.03 -7.12 -12.59
CA SER C 56 1.13 -7.95 -12.18
C SER C 56 0.70 -8.82 -11.00
N GLN C 57 0.66 -10.14 -11.19
CA GLN C 57 0.53 -11.14 -10.10
C GLN C 57 1.85 -11.18 -9.32
N VAL C 58 1.79 -11.13 -7.98
CA VAL C 58 3.02 -11.20 -7.13
C VAL C 58 2.71 -12.04 -5.89
N ILE C 59 3.76 -12.69 -5.37
CA ILE C 59 3.73 -13.42 -4.07
C ILE C 59 4.45 -12.56 -3.04
N PHE C 60 3.70 -12.14 -2.03
CA PHE C 60 4.22 -11.58 -0.76
C PHE C 60 4.70 -12.75 0.09
N CYS C 61 5.99 -13.07 -0.06
CA CYS C 61 6.69 -14.16 0.65
C CYS C 61 7.34 -13.59 1.92
N ASN C 62 6.77 -13.88 3.09
CA ASN C 62 7.23 -13.39 4.42
C ASN C 62 8.37 -14.27 4.95
N ARG C 63 9.62 -13.93 4.61
CA ARG C 63 10.83 -14.59 5.16
C ARG C 63 11.32 -13.80 6.39
N SER C 64 10.41 -13.40 7.28
CA SER C 64 10.71 -12.55 8.45
C SER C 64 10.01 -13.10 9.70
N PRO C 65 10.60 -12.85 10.89
CA PRO C 65 9.99 -13.25 12.15
C PRO C 65 8.92 -12.27 12.66
N ARG C 66 8.71 -11.17 11.93
CA ARG C 66 7.71 -10.12 12.30
C ARG C 66 6.44 -10.30 11.48
N VAL C 67 5.29 -9.90 12.05
CA VAL C 67 4.00 -9.71 11.34
C VAL C 67 4.15 -8.55 10.35
N VAL C 68 4.38 -8.85 9.06
CA VAL C 68 4.64 -7.82 8.02
C VAL C 68 3.36 -7.07 7.72
N LEU C 69 3.47 -5.75 7.54
CA LEU C 69 2.42 -4.87 6.99
C LEU C 69 2.83 -4.44 5.58
N PRO C 70 2.05 -4.84 4.55
CA PRO C 70 2.31 -4.39 3.18
C PRO C 70 1.69 -3.01 2.99
N VAL C 71 2.54 -2.03 2.72
CA VAL C 71 2.14 -0.59 2.56
C VAL C 71 2.27 -0.24 1.08
N TRP C 72 1.17 0.23 0.47
CA TRP C 72 1.11 0.64 -0.95
C TRP C 72 1.12 2.17 -1.02
N LEU C 73 1.98 2.74 -1.88
CA LEU C 73 2.05 4.19 -2.12
C LEU C 73 1.12 4.52 -3.28
N ASN C 74 -0.02 5.14 -2.99
CA ASN C 74 -1.08 5.44 -4.00
C ASN C 74 -0.53 6.45 -5.02
N PHE C 75 -1.41 6.96 -5.89
CA PHE C 75 -1.06 7.77 -7.09
C PHE C 75 -0.65 9.18 -6.68
N ASP C 76 -1.20 9.65 -5.55
CA ASP C 76 -1.00 11.00 -4.99
C ASP C 76 0.15 10.97 -3.96
N GLY C 77 0.87 9.84 -3.89
CA GLY C 77 2.08 9.64 -3.06
C GLY C 77 1.75 9.26 -1.62
N GLU C 78 0.49 8.94 -1.29
CA GLU C 78 0.04 8.72 0.11
C GLU C 78 0.07 7.24 0.48
N PRO C 79 0.74 6.89 1.59
CA PRO C 79 0.78 5.52 2.09
C PRO C 79 -0.57 4.93 2.51
N GLN C 80 -0.94 3.82 1.88
CA GLN C 80 -2.18 3.06 2.12
C GLN C 80 -1.82 1.69 2.67
N PRO C 81 -2.43 1.29 3.80
CA PRO C 81 -2.14 0.01 4.44
C PRO C 81 -2.92 -1.14 3.81
N TYR C 82 -2.34 -2.35 3.80
CA TYR C 82 -2.99 -3.60 3.32
C TYR C 82 -3.07 -4.58 4.48
N PRO C 83 -3.73 -5.75 4.33
CA PRO C 83 -3.83 -6.74 5.41
C PRO C 83 -2.51 -7.49 5.72
N THR C 84 -2.39 -7.96 6.96
CA THR C 84 -1.11 -8.34 7.62
C THR C 84 -0.76 -9.80 7.33
N LEU C 85 0.53 -10.08 7.13
CA LEU C 85 1.13 -11.42 6.89
C LEU C 85 1.79 -11.94 8.16
N PRO C 86 1.19 -12.91 8.89
CA PRO C 86 1.93 -13.64 9.93
C PRO C 86 3.31 -14.10 9.46
N PRO C 87 4.29 -14.32 10.36
CA PRO C 87 5.64 -14.72 9.94
C PRO C 87 5.62 -16.10 9.26
N GLY C 88 6.54 -16.32 8.31
CA GLY C 88 6.62 -17.57 7.52
C GLY C 88 5.61 -17.63 6.38
N THR C 89 4.40 -17.11 6.60
CA THR C 89 3.26 -17.17 5.64
C THR C 89 3.62 -16.49 4.32
N GLY C 90 2.83 -16.78 3.27
CA GLY C 90 2.98 -16.27 1.90
C GLY C 90 1.64 -16.20 1.20
N ARG C 91 1.49 -15.30 0.21
CA ARG C 91 0.19 -15.01 -0.43
C ARG C 91 0.40 -14.52 -1.86
N ARG C 92 -0.42 -15.05 -2.77
CA ARG C 92 -0.54 -14.59 -4.18
C ARG C 92 -1.55 -13.43 -4.22
N ILE C 93 -1.09 -12.25 -4.63
CA ILE C 93 -1.91 -11.00 -4.60
C ILE C 93 -1.88 -10.35 -5.98
N HIS C 94 -2.89 -9.51 -6.23
CA HIS C 94 -3.10 -8.76 -7.49
C HIS C 94 -2.63 -7.31 -7.29
N SER C 95 -1.66 -6.89 -8.09
CA SER C 95 -1.15 -5.50 -8.17
C SER C 95 -0.87 -5.19 -9.64
N TYR C 96 -0.32 -4.01 -9.94
CA TYR C 96 -0.14 -3.51 -11.33
C TYR C 96 1.34 -3.18 -11.54
N ARG C 97 1.84 -3.33 -12.76
CA ARG C 97 3.19 -2.82 -13.14
C ARG C 97 3.28 -1.36 -12.72
N GLY C 98 4.45 -0.93 -12.23
CA GLY C 98 4.77 0.48 -11.94
C GLY C 98 4.33 0.94 -10.56
N HIS C 99 3.55 0.15 -9.82
CA HIS C 99 3.05 0.50 -8.46
C HIS C 99 4.19 0.38 -7.44
N LEU C 100 4.06 1.05 -6.29
CA LEU C 100 5.14 1.17 -5.26
C LEU C 100 4.64 0.62 -3.92
N TRP C 101 5.46 -0.28 -3.36
CA TRP C 101 5.19 -1.02 -2.10
C TRP C 101 6.39 -0.87 -1.15
N LEU C 102 6.14 -0.87 0.15
CA LEU C 102 7.19 -1.16 1.16
C LEU C 102 6.52 -1.93 2.30
N PHE C 103 7.31 -2.52 3.19
CA PHE C 103 6.80 -3.45 4.23
C PHE C 103 7.45 -3.11 5.58
N ARG C 104 6.66 -3.19 6.66
CA ARG C 104 7.07 -2.75 8.02
C ARG C 104 6.60 -3.79 9.05
N ASP C 105 7.26 -3.89 10.20
CA ASP C 105 6.65 -4.56 11.38
C ASP C 105 5.32 -3.85 11.61
N ALA C 106 4.21 -4.60 11.66
CA ALA C 106 2.85 -4.05 11.83
C ALA C 106 2.69 -3.52 13.26
N GLY C 107 3.20 -4.24 14.26
CA GLY C 107 3.19 -3.81 15.67
C GLY C 107 3.90 -2.48 15.89
N THR C 108 5.09 -2.31 15.34
CA THR C 108 6.12 -1.32 15.75
C THR C 108 6.64 -0.49 14.58
N HIS C 109 6.09 -0.65 13.38
CA HIS C 109 6.45 0.17 12.19
C HIS C 109 7.96 0.12 11.91
N ASP C 110 8.69 -0.84 12.48
CA ASP C 110 10.12 -1.08 12.14
C ASP C 110 10.21 -1.38 10.64
N GLY C 111 11.15 -0.73 9.94
CA GLY C 111 11.42 -0.94 8.51
C GLY C 111 11.88 -2.36 8.24
N LEU C 112 11.31 -3.01 7.21
CA LEU C 112 11.77 -4.36 6.76
C LEU C 112 12.36 -4.21 5.36
N LEU C 113 13.07 -5.22 4.86
CA LEU C 113 13.60 -5.21 3.46
C LEU C 113 12.66 -6.03 2.59
N VAL C 114 12.81 -5.90 1.26
CA VAL C 114 12.10 -6.73 0.26
C VAL C 114 13.02 -6.88 -0.96
N ASN C 115 13.39 -8.12 -1.28
CA ASN C 115 14.37 -8.43 -2.35
C ASN C 115 15.58 -7.53 -2.13
N GLN C 116 16.00 -7.43 -0.86
CA GLN C 116 17.31 -6.89 -0.38
C GLN C 116 17.31 -5.36 -0.36
N THR C 117 16.31 -4.71 -0.98
CA THR C 117 16.12 -3.24 -0.99
C THR C 117 14.82 -2.91 -0.23
N GLU C 118 14.44 -1.64 -0.12
CA GLU C 118 13.38 -1.18 0.83
C GLU C 118 12.05 -1.00 0.08
N LEU C 119 12.09 -0.75 -1.23
CA LEU C 119 10.94 -0.39 -2.10
C LEU C 119 10.70 -1.45 -3.18
N PHE C 120 9.47 -1.97 -3.26
CA PHE C 120 9.08 -3.00 -4.26
C PHE C 120 8.23 -2.39 -5.39
N VAL C 121 8.66 -2.61 -6.64
CA VAL C 121 7.98 -2.13 -7.89
C VAL C 121 7.71 -3.33 -8.81
N PRO C 122 6.49 -3.93 -8.79
CA PRO C 122 6.14 -5.04 -9.68
C PRO C 122 6.47 -4.76 -11.15
N SER C 123 6.93 -5.77 -11.88
CA SER C 123 7.17 -5.69 -13.35
C SER C 123 6.20 -6.62 -14.08
N LEU C 124 6.21 -6.61 -15.41
CA LEU C 124 5.36 -7.49 -16.25
C LEU C 124 5.77 -8.95 -16.00
N ASN C 125 4.78 -9.78 -15.60
CA ASN C 125 4.93 -11.24 -15.39
C ASN C 125 5.27 -11.89 -16.74
N VAL C 126 6.15 -12.88 -16.73
CA VAL C 126 6.61 -13.62 -17.94
C VAL C 126 6.38 -15.12 -17.70
N ASP C 127 6.07 -15.87 -18.77
CA ASP C 127 5.72 -17.32 -18.71
C ASP C 127 4.64 -17.54 -17.63
N GLY C 128 3.74 -16.58 -17.44
CA GLY C 128 2.66 -16.62 -16.43
C GLY C 128 3.20 -16.85 -15.02
N GLN C 129 4.45 -16.46 -14.78
CA GLN C 129 5.15 -16.59 -13.47
C GLN C 129 4.85 -15.36 -12.63
N PRO C 130 4.28 -15.51 -11.42
CA PRO C 130 4.10 -14.36 -10.52
C PRO C 130 5.49 -13.82 -10.14
N ILE C 131 5.56 -12.54 -9.74
CA ILE C 131 6.82 -11.91 -9.25
C ILE C 131 6.89 -12.18 -7.75
N PHE C 132 8.09 -12.49 -7.27
CA PHE C 132 8.36 -12.90 -5.88
C PHE C 132 8.87 -11.69 -5.11
N ALA C 133 8.12 -11.29 -4.08
CA ALA C 133 8.47 -10.21 -3.14
C ALA C 133 8.90 -10.85 -1.82
N ASN C 134 10.21 -11.01 -1.63
CA ASN C 134 10.79 -11.68 -0.45
C ASN C 134 11.00 -10.64 0.64
N ILE C 135 10.19 -10.69 1.68
CA ILE C 135 10.24 -9.73 2.82
C ILE C 135 11.11 -10.35 3.93
N THR C 136 12.27 -9.73 4.17
CA THR C 136 13.26 -10.11 5.21
C THR C 136 13.37 -8.99 6.26
N LEU C 137 14.06 -9.25 7.37
CA LEU C 137 14.60 -8.21 8.28
C LEU C 137 15.80 -7.58 7.58
N PRO C 138 16.15 -6.33 7.90
CA PRO C 138 17.44 -5.79 7.48
C PRO C 138 18.43 -6.17 8.58
N VAL C 139 19.72 -5.89 8.35
CA VAL C 139 20.74 -5.87 9.43
C VAL C 139 20.62 -4.51 10.13
N TYR C 140 19.69 -4.41 11.09
CA TYR C 140 19.51 -3.26 12.01
C TYR C 140 20.83 -2.98 12.75
N THR C 141 21.28 -1.71 12.78
CA THR C 141 22.41 -1.30 13.64
C THR C 141 22.11 -1.75 15.07
N LEU C 142 23.17 -2.06 15.84
CA LEU C 142 23.03 -2.64 17.20
C LEU C 142 22.24 -1.65 18.02
N LYS C 143 22.57 -0.37 17.84
CA LYS C 143 21.82 0.75 18.47
C LYS C 143 20.33 0.52 18.17
N GLU C 144 19.96 0.50 16.88
CA GLU C 144 18.54 0.46 16.45
C GLU C 144 17.86 -0.79 17.02
N ARG C 145 18.53 -1.94 16.92
CA ARG C 145 17.96 -3.21 17.42
C ARG C 145 17.73 -3.11 18.93
N CYS C 146 18.59 -2.37 19.64
CA CYS C 146 18.49 -2.20 21.11
C CYS C 146 17.31 -1.29 21.45
N LEU C 147 17.22 -0.16 20.74
CA LEU C 147 16.09 0.80 20.91
C LEU C 147 14.79 0.00 20.77
N GLN C 148 14.64 -0.71 19.64
CA GLN C 148 13.54 -1.68 19.39
C GLN C 148 13.26 -2.49 20.66
N VAL C 149 14.28 -3.16 21.20
CA VAL C 149 14.09 -4.09 22.35
C VAL C 149 13.67 -3.26 23.57
N VAL C 150 14.29 -2.10 23.80
CA VAL C 150 13.92 -1.25 24.98
C VAL C 150 12.48 -0.77 24.80
N ARG C 151 12.16 -0.20 23.62
CA ARG C 151 10.81 0.26 23.24
C ARG C 151 9.79 -0.85 23.54
N SER C 152 10.06 -2.05 23.04
CA SER C 152 9.24 -3.28 23.26
C SER C 152 9.10 -3.61 24.76
N LEU C 153 10.09 -3.22 25.58
CA LEU C 153 10.17 -3.61 27.01
C LEU C 153 9.53 -2.55 27.91
N VAL C 154 9.54 -1.26 27.52
CA VAL C 154 9.19 -0.10 28.41
C VAL C 154 8.04 0.74 27.83
N LYS C 155 7.06 1.11 28.67
CA LYS C 155 5.93 1.99 28.30
C LYS C 155 6.45 3.41 28.15
N PRO C 156 6.21 4.10 27.00
CA PRO C 156 6.72 5.44 26.75
C PRO C 156 6.71 6.42 27.93
N GLU C 157 5.72 6.30 28.82
CA GLU C 157 5.58 7.11 30.06
C GLU C 157 6.82 6.95 30.95
N ASN C 158 7.54 5.81 30.87
CA ASN C 158 8.66 5.46 31.79
C ASN C 158 10.03 5.63 31.14
N TYR C 159 10.12 5.91 29.84
CA TYR C 159 11.40 6.13 29.13
C TYR C 159 12.36 6.89 30.05
N ARG C 160 11.85 7.97 30.68
CA ARG C 160 12.65 8.95 31.48
C ARG C 160 12.95 8.42 32.88
N ARG C 161 12.29 7.35 33.34
CA ARG C 161 12.66 6.67 34.61
C ARG C 161 13.83 5.70 34.35
N LEU C 162 14.32 5.62 33.11
CA LEU C 162 15.45 4.72 32.74
C LEU C 162 16.77 5.43 33.02
N ASP C 163 17.68 4.75 33.73
CA ASP C 163 18.98 5.28 34.19
C ASP C 163 19.98 5.24 33.02
N ILE C 164 19.85 6.17 32.07
CA ILE C 164 20.69 6.25 30.84
C ILE C 164 20.91 7.72 30.47
N VAL C 165 21.77 7.96 29.47
CA VAL C 165 22.06 9.33 28.93
C VAL C 165 20.74 10.04 28.59
N ARG C 166 20.74 11.38 28.61
CA ARG C 166 19.59 12.23 28.20
C ARG C 166 19.30 11.95 26.72
N SER C 167 20.35 11.99 25.88
CA SER C 167 20.27 11.82 24.40
C SER C 167 19.38 10.62 24.03
N LEU C 168 19.50 9.51 24.78
CA LEU C 168 18.80 8.23 24.46
C LEU C 168 17.29 8.38 24.63
N TYR C 169 16.81 9.26 25.52
CA TYR C 169 15.36 9.47 25.75
C TYR C 169 14.67 9.84 24.44
N GLU C 170 15.12 10.91 23.80
CA GLU C 170 14.50 11.36 22.52
C GLU C 170 14.85 10.32 21.45
N ASP C 171 16.09 9.83 21.43
CA ASP C 171 16.56 8.74 20.54
C ASP C 171 15.57 7.56 20.57
N LEU C 172 15.16 7.14 21.77
CA LEU C 172 14.10 6.11 21.97
C LEU C 172 12.79 6.62 21.39
N GLU C 173 12.35 7.80 21.86
CA GLU C 173 11.00 8.36 21.60
C GLU C 173 10.78 8.64 20.12
N ASP C 174 11.84 8.65 19.30
CA ASP C 174 11.81 8.88 17.83
C ASP C 174 11.42 7.58 17.11
N HIS C 175 10.26 7.00 17.44
CA HIS C 175 9.75 5.70 16.92
C HIS C 175 9.88 5.64 15.39
N PRO C 176 10.03 4.44 14.77
CA PRO C 176 10.22 4.36 13.33
C PRO C 176 8.92 4.74 12.62
N ASN C 177 9.00 5.38 11.46
CA ASN C 177 7.81 5.81 10.68
C ASN C 177 8.15 5.90 9.19
N VAL C 178 7.17 5.58 8.34
CA VAL C 178 7.30 5.55 6.86
C VAL C 178 7.68 6.97 6.39
N GLN C 179 6.81 7.94 6.69
CA GLN C 179 7.05 9.40 6.45
C GLN C 179 8.49 9.71 6.88
N LYS C 180 8.82 9.36 8.13
CA LYS C 180 10.11 9.65 8.82
C LYS C 180 11.31 8.99 8.09
N ASP C 181 11.11 8.36 6.92
CA ASP C 181 12.17 7.70 6.11
C ASP C 181 12.06 8.14 4.65
N LEU C 182 10.83 8.36 4.16
CA LEU C 182 10.47 8.56 2.74
C LEU C 182 11.43 9.57 2.09
N GLU C 183 11.93 10.53 2.87
CA GLU C 183 12.94 11.52 2.43
C GLU C 183 14.21 10.77 1.97
N ARG C 184 14.68 9.80 2.75
CA ARG C 184 15.92 9.03 2.42
C ARG C 184 15.80 8.49 0.99
N LEU C 185 14.81 7.62 0.78
CA LEU C 185 14.58 6.84 -0.47
C LEU C 185 14.46 7.80 -1.66
N THR C 186 13.82 8.97 -1.45
CA THR C 186 13.55 9.98 -2.50
C THR C 186 14.88 10.46 -3.11
N GLN C 187 15.88 10.73 -2.28
CA GLN C 187 17.23 11.18 -2.72
C GLN C 187 17.96 10.04 -3.45
N GLU C 188 17.57 8.77 -3.18
CA GLU C 188 18.14 7.53 -3.78
C GLU C 188 17.62 7.33 -5.22
N ARG C 189 16.30 7.21 -5.40
CA ARG C 189 15.66 6.96 -6.74
C ARG C 189 15.98 8.10 -7.70
N PRO D 8 -30.50 30.84 -29.90
CA PRO D 8 -29.42 31.80 -29.59
C PRO D 8 -28.00 31.34 -29.96
N VAL D 9 -27.10 32.30 -30.20
CA VAL D 9 -25.70 32.06 -30.68
C VAL D 9 -24.84 31.51 -29.53
N LYS D 10 -25.04 32.02 -28.31
CA LYS D 10 -24.43 31.52 -27.03
C LYS D 10 -25.49 31.65 -25.94
N PRO D 11 -25.60 30.71 -24.98
CA PRO D 11 -26.57 30.85 -23.89
C PRO D 11 -26.02 31.81 -22.85
N ASN D 12 -26.87 32.33 -21.97
CA ASN D 12 -26.48 33.15 -20.80
C ASN D 12 -27.04 32.46 -19.55
N TYR D 13 -26.49 31.29 -19.22
CA TYR D 13 -26.84 30.57 -17.97
C TYR D 13 -26.38 31.43 -16.80
N ALA D 14 -27.23 31.55 -15.78
CA ALA D 14 -27.01 32.39 -14.58
C ALA D 14 -27.46 31.65 -13.33
N LEU D 15 -26.62 31.61 -12.30
CA LEU D 15 -26.92 30.93 -11.02
C LEU D 15 -28.24 31.48 -10.45
N LYS D 16 -29.09 30.61 -9.90
CA LYS D 16 -30.45 30.99 -9.41
C LYS D 16 -30.65 30.45 -7.98
N PHE D 17 -30.20 29.23 -7.68
CA PHE D 17 -30.28 28.63 -6.32
C PHE D 17 -29.06 27.76 -6.03
N THR D 18 -28.73 27.63 -4.75
CA THR D 18 -27.72 26.70 -4.22
C THR D 18 -28.40 25.81 -3.17
N LEU D 19 -28.22 24.49 -3.30
CA LEU D 19 -28.86 23.44 -2.45
C LEU D 19 -27.75 22.75 -1.67
N ALA D 20 -27.60 23.08 -0.38
CA ALA D 20 -26.65 22.43 0.56
C ALA D 20 -27.44 21.69 1.62
N GLY D 21 -28.04 20.55 1.24
CA GLY D 21 -28.68 19.59 2.16
C GLY D 21 -27.74 18.44 2.47
N HIS D 22 -26.85 18.11 1.52
CA HIS D 22 -25.89 16.99 1.62
C HIS D 22 -24.74 17.37 2.56
N THR D 23 -24.30 16.40 3.38
CA THR D 23 -23.25 16.57 4.42
C THR D 23 -21.89 16.14 3.86
N LYS D 24 -21.89 15.52 2.67
CA LYS D 24 -20.66 14.98 2.01
C LYS D 24 -20.74 15.27 0.50
N ALA D 25 -19.69 14.91 -0.25
CA ALA D 25 -19.59 15.09 -1.72
C ALA D 25 -20.89 14.61 -2.38
N VAL D 26 -21.32 15.31 -3.44
CA VAL D 26 -22.56 14.97 -4.20
C VAL D 26 -22.15 14.23 -5.48
N SER D 27 -22.69 13.04 -5.66
CA SER D 27 -22.27 12.07 -6.70
C SER D 27 -23.01 12.36 -8.00
N SER D 28 -24.33 12.54 -7.95
CA SER D 28 -25.19 12.62 -9.16
C SER D 28 -26.42 13.51 -8.92
N VAL D 29 -26.78 14.30 -9.93
CA VAL D 29 -28.09 15.02 -10.04
C VAL D 29 -28.79 14.59 -11.34
N LYS D 30 -30.10 14.36 -11.23
CA LYS D 30 -30.97 13.94 -12.35
C LYS D 30 -32.31 14.64 -12.22
N PHE D 31 -32.73 15.39 -13.25
CA PHE D 31 -34.12 15.88 -13.40
C PHE D 31 -35.02 14.68 -13.72
N SER D 32 -36.20 14.64 -13.11
CA SER D 32 -37.28 13.67 -13.46
C SER D 32 -37.71 13.89 -14.91
N PRO D 33 -38.21 12.85 -15.61
CA PRO D 33 -38.58 12.99 -17.03
C PRO D 33 -39.67 14.01 -17.32
N ASN D 34 -40.59 14.22 -16.37
CA ASN D 34 -41.71 15.22 -16.47
C ASN D 34 -41.15 16.65 -16.35
N GLY D 35 -40.16 16.83 -15.46
CA GLY D 35 -39.45 18.11 -15.25
C GLY D 35 -39.91 18.82 -13.99
N GLU D 36 -40.49 18.11 -13.03
CA GLU D 36 -41.01 18.73 -11.77
C GLU D 36 -39.98 18.59 -10.65
N TRP D 37 -39.14 17.56 -10.66
CA TRP D 37 -38.21 17.25 -9.54
C TRP D 37 -36.75 17.08 -10.00
N LEU D 38 -35.84 17.43 -9.10
CA LEU D 38 -34.40 17.05 -9.11
C LEU D 38 -34.14 16.06 -7.97
N ALA D 39 -33.39 15.00 -8.25
CA ALA D 39 -32.93 13.99 -7.25
C ALA D 39 -31.41 14.08 -7.14
N SER D 40 -30.89 14.07 -5.92
CA SER D 40 -29.44 14.19 -5.62
C SER D 40 -28.95 12.95 -4.86
N SER D 41 -27.77 12.45 -5.21
CA SER D 41 -27.11 11.34 -4.49
C SER D 41 -25.78 11.84 -3.93
N SER D 42 -25.41 11.44 -2.71
CA SER D 42 -24.12 11.83 -2.09
C SER D 42 -23.53 10.69 -1.27
N ALA D 43 -22.22 10.77 -1.04
CA ALA D 43 -21.46 9.89 -0.11
C ALA D 43 -22.10 9.92 1.30
N ASP D 44 -22.96 10.90 1.60
CA ASP D 44 -23.66 11.01 2.91
C ASP D 44 -24.73 9.91 3.02
N LYS D 45 -24.75 8.96 2.08
CA LYS D 45 -25.56 7.71 2.14
C LYS D 45 -27.06 8.07 2.03
N LEU D 46 -27.36 9.19 1.36
CA LEU D 46 -28.71 9.81 1.28
C LEU D 46 -29.02 10.26 -0.15
N ILE D 47 -30.26 10.04 -0.57
CA ILE D 47 -30.87 10.69 -1.77
C ILE D 47 -31.82 11.76 -1.23
N LYS D 48 -31.80 12.96 -1.83
CA LYS D 48 -32.72 14.07 -1.47
C LYS D 48 -33.47 14.48 -2.74
N ILE D 49 -34.77 14.78 -2.59
CA ILE D 49 -35.63 15.29 -3.69
C ILE D 49 -35.79 16.80 -3.48
N TRP D 50 -35.84 17.56 -4.57
CA TRP D 50 -36.14 19.01 -4.57
C TRP D 50 -36.99 19.35 -5.80
N GLY D 51 -37.80 20.41 -5.73
CA GLY D 51 -38.53 20.99 -6.87
C GLY D 51 -37.54 21.56 -7.88
N ALA D 52 -37.79 21.34 -9.18
CA ALA D 52 -36.80 21.60 -10.25
C ALA D 52 -36.70 23.10 -10.59
N TYR D 53 -37.58 23.96 -10.05
CA TYR D 53 -37.64 25.40 -10.41
C TYR D 53 -37.16 26.25 -9.23
N ASP D 54 -37.76 26.06 -8.04
CA ASP D 54 -37.52 26.91 -6.84
C ASP D 54 -36.50 26.28 -5.90
N GLY D 55 -36.07 25.04 -6.16
CA GLY D 55 -35.11 24.29 -5.32
C GLY D 55 -35.69 23.94 -3.95
N LYS D 56 -37.03 23.97 -3.84
CA LYS D 56 -37.77 23.73 -2.57
C LYS D 56 -37.56 22.26 -2.17
N PHE D 57 -36.66 22.01 -1.22
CA PHE D 57 -36.41 20.66 -0.65
C PHE D 57 -37.75 19.94 -0.46
N GLU D 58 -37.87 18.74 -1.03
CA GLU D 58 -39.10 17.91 -0.97
C GLU D 58 -38.96 16.92 0.20
N LYS D 59 -38.04 15.94 0.11
CA LYS D 59 -37.89 14.89 1.15
C LYS D 59 -36.48 14.25 1.10
N THR D 60 -36.18 13.43 2.11
CA THR D 60 -34.94 12.62 2.21
C THR D 60 -35.28 11.13 2.08
N ILE D 61 -34.52 10.43 1.22
CA ILE D 61 -34.53 8.95 1.05
C ILE D 61 -33.28 8.39 1.73
N SER D 62 -33.46 7.40 2.62
CA SER D 62 -32.38 6.74 3.39
C SER D 62 -32.56 5.21 3.32
N GLY D 63 -31.48 4.46 3.61
CA GLY D 63 -31.49 2.99 3.54
C GLY D 63 -30.10 2.47 3.20
N HIS D 64 -29.53 2.95 2.10
CA HIS D 64 -28.19 2.53 1.61
C HIS D 64 -27.19 2.60 2.79
N LYS D 65 -26.35 1.58 2.92
CA LYS D 65 -25.50 1.35 4.13
C LYS D 65 -24.16 2.06 3.93
N LEU D 66 -23.84 2.48 2.70
CA LEU D 66 -22.58 3.22 2.36
C LEU D 66 -22.85 4.27 1.29
N GLY D 67 -21.80 5.01 0.89
CA GLY D 67 -21.82 6.06 -0.15
C GLY D 67 -22.66 5.67 -1.36
N ILE D 68 -23.44 6.62 -1.90
CA ILE D 68 -24.27 6.46 -3.13
C ILE D 68 -23.59 7.19 -4.28
N SER D 69 -23.50 6.55 -5.43
CA SER D 69 -22.62 6.94 -6.57
C SER D 69 -23.46 7.53 -7.72
N ASP D 70 -24.73 7.14 -7.81
CA ASP D 70 -25.62 7.58 -8.91
C ASP D 70 -27.07 7.30 -8.53
N VAL D 71 -27.97 7.86 -9.32
CA VAL D 71 -29.42 7.64 -9.18
C VAL D 71 -30.03 7.97 -10.54
N ALA D 72 -31.17 7.36 -10.86
CA ALA D 72 -31.90 7.61 -12.11
C ALA D 72 -33.40 7.41 -11.87
N TRP D 73 -34.20 8.02 -12.74
CA TRP D 73 -35.68 8.07 -12.66
C TRP D 73 -36.29 7.03 -13.62
N SER D 74 -37.41 6.40 -13.23
CA SER D 74 -38.27 5.61 -14.15
C SER D 74 -38.86 6.54 -15.22
N SER D 75 -39.32 5.99 -16.36
CA SER D 75 -39.92 6.76 -17.47
C SER D 75 -41.00 7.71 -16.93
N ASP D 76 -41.72 7.28 -15.89
CA ASP D 76 -43.02 7.85 -15.43
C ASP D 76 -42.84 8.79 -14.22
N SER D 77 -41.67 8.80 -13.58
CA SER D 77 -41.27 9.74 -12.48
C SER D 77 -41.90 9.34 -11.13
N ASN D 78 -42.26 8.07 -10.92
CA ASN D 78 -42.76 7.56 -9.61
C ASN D 78 -41.73 6.65 -8.94
N LEU D 79 -40.83 6.05 -9.75
CA LEU D 79 -39.78 5.10 -9.30
C LEU D 79 -38.38 5.67 -9.55
N LEU D 80 -37.48 5.32 -8.63
CA LEU D 80 -36.11 5.85 -8.52
C LEU D 80 -35.21 4.69 -8.08
N VAL D 81 -34.13 4.41 -8.82
CA VAL D 81 -33.11 3.39 -8.44
C VAL D 81 -31.83 4.13 -8.09
N SER D 82 -31.04 3.60 -7.16
CA SER D 82 -29.75 4.16 -6.68
C SER D 82 -28.63 3.11 -6.72
N ALA D 83 -27.45 3.51 -7.17
CA ALA D 83 -26.21 2.68 -7.22
C ALA D 83 -25.29 3.07 -6.05
N SER D 84 -25.28 2.24 -5.01
CA SER D 84 -24.54 2.50 -3.74
C SER D 84 -23.23 1.71 -3.72
N ASP D 85 -22.26 2.22 -2.95
CA ASP D 85 -20.98 1.54 -2.64
C ASP D 85 -21.27 0.27 -1.85
N ASP D 86 -22.42 0.22 -1.15
CA ASP D 86 -22.85 -0.90 -0.26
C ASP D 86 -22.99 -2.20 -1.07
N LYS D 87 -22.67 -2.16 -2.38
CA LYS D 87 -22.59 -3.33 -3.30
C LYS D 87 -24.00 -3.65 -3.85
N THR D 88 -25.04 -2.96 -3.37
CA THR D 88 -26.45 -3.20 -3.76
C THR D 88 -26.98 -2.03 -4.58
N LEU D 89 -28.09 -2.24 -5.29
CA LEU D 89 -28.96 -1.16 -5.81
C LEU D 89 -30.27 -1.22 -5.04
N LYS D 90 -31.01 -0.10 -5.01
CA LYS D 90 -32.31 -0.01 -4.28
C LYS D 90 -33.30 0.74 -5.17
N ILE D 91 -34.47 0.14 -5.36
CA ILE D 91 -35.62 0.74 -6.07
C ILE D 91 -36.56 1.35 -5.04
N TRP D 92 -36.86 2.65 -5.18
CA TRP D 92 -37.65 3.46 -4.21
C TRP D 92 -38.89 4.06 -4.91
N ASP D 93 -40.05 4.01 -4.23
CA ASP D 93 -41.23 4.86 -4.54
C ASP D 93 -40.91 6.28 -4.06
N VAL D 94 -40.97 7.25 -4.98
CA VAL D 94 -40.70 8.68 -4.66
C VAL D 94 -41.74 9.14 -3.63
N SER D 95 -43.03 9.12 -4.02
CA SER D 95 -44.17 9.65 -3.22
C SER D 95 -44.09 9.22 -1.76
N SER D 96 -43.56 8.02 -1.46
CA SER D 96 -43.49 7.43 -0.10
C SER D 96 -42.09 7.62 0.49
N GLY D 97 -41.06 7.34 -0.30
CA GLY D 97 -39.65 7.32 0.17
C GLY D 97 -39.33 5.99 0.83
N LYS D 98 -40.21 5.00 0.69
CA LYS D 98 -40.02 3.58 1.12
C LYS D 98 -39.18 2.86 0.07
N CYS D 99 -38.31 1.94 0.51
CA CYS D 99 -37.51 1.05 -0.38
C CYS D 99 -38.40 -0.12 -0.82
N LEU D 100 -38.76 -0.17 -2.10
CA LEU D 100 -39.59 -1.26 -2.69
C LEU D 100 -38.75 -2.53 -2.78
N LYS D 101 -37.52 -2.42 -3.29
CA LYS D 101 -36.62 -3.58 -3.58
C LYS D 101 -35.16 -3.16 -3.36
N THR D 102 -34.38 -4.02 -2.69
CA THR D 102 -32.90 -4.01 -2.70
C THR D 102 -32.40 -5.06 -3.71
N LEU D 103 -31.44 -4.72 -4.57
CA LEU D 103 -30.98 -5.54 -5.74
C LEU D 103 -29.59 -6.12 -5.48
N LYS D 104 -29.52 -7.39 -5.05
CA LYS D 104 -28.28 -8.05 -4.53
C LYS D 104 -27.73 -8.97 -5.62
N GLY D 105 -26.44 -8.84 -5.95
CA GLY D 105 -25.83 -9.57 -7.08
C GLY D 105 -24.41 -9.13 -7.35
N HIS D 106 -24.13 -7.82 -7.29
CA HIS D 106 -22.79 -7.26 -7.58
C HIS D 106 -21.83 -7.65 -6.46
N SER D 107 -20.55 -7.89 -6.81
CA SER D 107 -19.51 -8.40 -5.87
C SER D 107 -18.81 -7.25 -5.15
N ASN D 108 -18.84 -6.02 -5.70
CA ASN D 108 -18.19 -4.81 -5.11
C ASN D 108 -19.11 -3.59 -5.29
N TYR D 109 -18.56 -2.36 -5.25
CA TYR D 109 -19.30 -1.07 -5.32
C TYR D 109 -20.07 -0.97 -6.63
N VAL D 110 -21.31 -0.47 -6.57
CA VAL D 110 -22.11 -0.07 -7.76
C VAL D 110 -21.90 1.43 -7.99
N PHE D 111 -21.68 1.82 -9.26
CA PHE D 111 -21.33 3.21 -9.66
C PHE D 111 -22.47 3.85 -10.44
N CYS D 112 -22.83 3.31 -11.61
CA CYS D 112 -23.89 3.89 -12.49
C CYS D 112 -25.14 3.00 -12.46
N CYS D 113 -26.31 3.60 -12.67
CA CYS D 113 -27.63 2.90 -12.81
C CYS D 113 -28.59 3.70 -13.70
N ASN D 114 -29.42 3.00 -14.50
CA ASN D 114 -30.44 3.59 -15.41
C ASN D 114 -31.63 2.64 -15.55
N PHE D 115 -32.81 3.16 -15.92
CA PHE D 115 -33.97 2.36 -16.37
C PHE D 115 -33.92 2.25 -17.89
N ASN D 116 -34.58 1.22 -18.44
CA ASN D 116 -34.90 1.13 -19.88
C ASN D 116 -36.04 2.10 -20.15
N PRO D 117 -36.21 2.60 -21.41
CA PRO D 117 -37.30 3.51 -21.74
C PRO D 117 -38.68 3.02 -21.25
N GLN D 118 -38.94 1.72 -21.34
CA GLN D 118 -40.23 1.07 -20.96
C GLN D 118 -40.31 0.91 -19.44
N SER D 119 -39.21 1.14 -18.71
CA SER D 119 -39.12 1.12 -17.23
C SER D 119 -39.61 -0.22 -16.67
N ASN D 120 -39.26 -1.32 -17.33
CA ASN D 120 -39.49 -2.68 -16.78
C ASN D 120 -38.14 -3.31 -16.39
N LEU D 121 -37.03 -2.69 -16.82
CA LEU D 121 -35.65 -3.15 -16.56
C LEU D 121 -34.83 -2.04 -15.89
N ILE D 122 -33.72 -2.41 -15.26
CA ILE D 122 -32.63 -1.50 -14.76
C ILE D 122 -31.30 -2.05 -15.24
N VAL D 123 -30.35 -1.20 -15.61
CA VAL D 123 -28.97 -1.65 -15.96
C VAL D 123 -28.02 -1.01 -14.95
N SER D 124 -27.13 -1.82 -14.38
CA SER D 124 -26.11 -1.39 -13.39
C SER D 124 -24.70 -1.61 -13.96
N GLY D 125 -23.76 -0.74 -13.58
CA GLY D 125 -22.31 -0.90 -13.82
C GLY D 125 -21.57 -0.94 -12.50
N SER D 126 -20.60 -1.83 -12.36
CA SER D 126 -19.94 -2.09 -11.05
C SER D 126 -18.42 -2.06 -11.16
N PHE D 127 -17.77 -1.69 -10.06
CA PHE D 127 -16.33 -1.88 -9.82
C PHE D 127 -15.96 -3.33 -10.20
N ASP D 128 -16.88 -4.27 -9.94
CA ASP D 128 -16.67 -5.73 -10.12
C ASP D 128 -16.49 -6.10 -11.61
N GLU D 129 -16.51 -5.12 -12.51
CA GLU D 129 -16.12 -5.21 -13.96
C GLU D 129 -17.29 -5.74 -14.80
N SER D 130 -18.43 -6.06 -14.15
CA SER D 130 -19.64 -6.67 -14.75
C SER D 130 -20.71 -5.60 -15.01
N VAL D 131 -21.48 -5.78 -16.08
CA VAL D 131 -22.77 -5.08 -16.34
C VAL D 131 -23.91 -6.06 -16.02
N ARG D 132 -24.88 -5.65 -15.19
CA ARG D 132 -26.04 -6.50 -14.84
C ARG D 132 -27.33 -5.86 -15.32
N ILE D 133 -28.35 -6.68 -15.56
CA ILE D 133 -29.73 -6.26 -15.94
C ILE D 133 -30.70 -6.88 -14.93
N TRP D 134 -31.77 -6.18 -14.56
CA TRP D 134 -32.62 -6.49 -13.38
C TRP D 134 -34.09 -6.40 -13.77
N ASP D 135 -34.91 -7.37 -13.36
CA ASP D 135 -36.39 -7.31 -13.46
C ASP D 135 -36.87 -6.38 -12.35
N VAL D 136 -37.63 -5.34 -12.69
CA VAL D 136 -38.05 -4.24 -11.76
C VAL D 136 -39.19 -4.73 -10.86
N LYS D 137 -40.11 -5.55 -11.40
CA LYS D 137 -41.29 -6.11 -10.67
C LYS D 137 -40.83 -7.13 -9.62
N THR D 138 -39.76 -7.90 -9.90
CA THR D 138 -39.28 -9.04 -9.08
C THR D 138 -38.09 -8.61 -8.22
N GLY D 139 -37.10 -7.93 -8.82
CA GLY D 139 -35.79 -7.60 -8.22
C GLY D 139 -34.73 -8.61 -8.61
N LYS D 140 -35.12 -9.61 -9.42
CA LYS D 140 -34.24 -10.71 -9.90
C LYS D 140 -33.27 -10.15 -10.95
N CYS D 141 -32.01 -10.59 -10.91
CA CYS D 141 -30.93 -10.20 -11.86
C CYS D 141 -30.96 -11.12 -13.10
N LEU D 142 -31.46 -10.62 -14.24
CA LEU D 142 -31.73 -11.44 -15.46
C LEU D 142 -30.44 -11.80 -16.17
N LYS D 143 -29.37 -11.03 -15.99
CA LYS D 143 -28.12 -11.24 -16.77
C LYS D 143 -26.92 -10.69 -16.01
N THR D 144 -25.72 -11.08 -16.44
CA THR D 144 -24.42 -10.62 -15.88
C THR D 144 -23.39 -10.62 -17.01
N LEU D 145 -23.43 -9.59 -17.85
CA LEU D 145 -22.49 -9.43 -18.99
C LEU D 145 -21.10 -9.31 -18.37
N PRO D 146 -20.09 -10.05 -18.87
CA PRO D 146 -18.72 -9.99 -18.34
C PRO D 146 -17.93 -8.90 -19.07
N ALA D 147 -18.48 -7.68 -19.03
CA ALA D 147 -18.19 -6.56 -19.96
C ALA D 147 -16.68 -6.28 -20.10
N HIS D 148 -15.99 -5.93 -19.00
CA HIS D 148 -14.68 -5.22 -19.07
C HIS D 148 -13.65 -5.78 -18.11
N SER D 149 -12.38 -5.45 -18.39
CA SER D 149 -11.15 -5.87 -17.68
C SER D 149 -10.96 -5.06 -16.38
N ASP D 150 -11.58 -3.89 -16.30
CA ASP D 150 -11.50 -2.94 -15.16
C ASP D 150 -12.92 -2.49 -14.83
N PRO D 151 -13.14 -1.56 -13.87
CA PRO D 151 -14.49 -1.11 -13.52
C PRO D 151 -15.27 -0.34 -14.61
N VAL D 152 -16.60 -0.28 -14.45
CA VAL D 152 -17.58 0.29 -15.42
C VAL D 152 -18.02 1.67 -14.92
N SER D 153 -17.82 2.71 -15.72
CA SER D 153 -18.07 4.13 -15.35
C SER D 153 -19.54 4.52 -15.60
N ALA D 154 -20.14 4.04 -16.69
CA ALA D 154 -21.50 4.44 -17.13
C ALA D 154 -22.18 3.34 -17.95
N VAL D 155 -23.50 3.22 -17.82
CA VAL D 155 -24.38 2.33 -18.64
C VAL D 155 -25.66 3.08 -19.01
N HIS D 156 -26.01 3.11 -20.29
CA HIS D 156 -27.21 3.83 -20.80
C HIS D 156 -27.95 2.94 -21.82
N PHE D 157 -29.29 2.88 -21.70
CA PHE D 157 -30.21 2.29 -22.71
C PHE D 157 -30.44 3.28 -23.84
N ASN D 158 -30.43 2.82 -25.09
CA ASN D 158 -30.75 3.64 -26.29
C ASN D 158 -32.26 3.91 -26.33
N ARG D 159 -32.72 4.57 -27.41
CA ARG D 159 -34.07 5.20 -27.55
C ARG D 159 -35.18 4.20 -27.20
N ASP D 160 -35.10 2.95 -27.65
CA ASP D 160 -36.21 1.94 -27.64
C ASP D 160 -35.97 0.78 -26.67
N GLY D 161 -34.83 0.75 -25.98
CA GLY D 161 -34.46 -0.34 -25.03
C GLY D 161 -33.74 -1.50 -25.70
N SER D 162 -33.71 -1.53 -27.03
CA SER D 162 -33.03 -2.60 -27.82
C SER D 162 -31.54 -2.68 -27.43
N LEU D 163 -30.86 -1.54 -27.27
CA LEU D 163 -29.40 -1.51 -27.05
C LEU D 163 -29.07 -1.05 -25.63
N ILE D 164 -27.88 -1.40 -25.16
CA ILE D 164 -27.23 -0.88 -23.91
C ILE D 164 -25.79 -0.52 -24.28
N VAL D 165 -25.33 0.66 -23.85
CA VAL D 165 -23.91 1.10 -24.02
C VAL D 165 -23.27 1.15 -22.63
N SER D 166 -22.02 0.67 -22.54
CA SER D 166 -21.25 0.71 -21.27
C SER D 166 -19.88 1.33 -21.52
N SER D 167 -19.40 2.09 -20.53
CA SER D 167 -18.04 2.65 -20.48
C SER D 167 -17.28 1.91 -19.38
N SER D 168 -15.95 1.82 -19.51
CA SER D 168 -15.09 1.17 -18.49
C SER D 168 -13.68 1.76 -18.49
N TYR D 169 -13.03 1.67 -17.33
CA TYR D 169 -11.69 2.22 -17.05
C TYR D 169 -10.64 1.47 -17.89
N ASP D 170 -10.99 0.30 -18.43
CA ASP D 170 -10.14 -0.48 -19.39
C ASP D 170 -9.97 0.30 -20.70
N GLY D 171 -10.76 1.37 -20.89
CA GLY D 171 -10.65 2.31 -22.02
C GLY D 171 -11.46 1.85 -23.22
N LEU D 172 -12.62 1.22 -22.97
CA LEU D 172 -13.45 0.51 -23.99
C LEU D 172 -14.90 0.99 -23.88
N CYS D 173 -15.51 1.31 -25.01
CA CYS D 173 -16.98 1.47 -25.15
C CYS D 173 -17.57 0.26 -25.89
N ARG D 174 -18.66 -0.30 -25.36
CA ARG D 174 -19.29 -1.53 -25.88
C ARG D 174 -20.78 -1.31 -26.09
N ILE D 175 -21.31 -1.87 -27.17
CA ILE D 175 -22.76 -1.88 -27.52
C ILE D 175 -23.25 -3.32 -27.35
N TRP D 176 -24.23 -3.51 -26.48
CA TRP D 176 -24.81 -4.81 -26.07
C TRP D 176 -26.23 -4.93 -26.60
N ASP D 177 -26.56 -6.03 -27.30
CA ASP D 177 -27.98 -6.39 -27.57
C ASP D 177 -28.62 -6.70 -26.21
N THR D 178 -29.64 -5.93 -25.80
CA THR D 178 -30.37 -6.10 -24.51
C THR D 178 -30.92 -7.53 -24.40
N ALA D 179 -31.41 -8.12 -25.51
CA ALA D 179 -32.09 -9.44 -25.56
C ALA D 179 -31.10 -10.56 -25.23
N SER D 180 -30.04 -10.69 -26.04
CA SER D 180 -29.04 -11.79 -26.00
C SER D 180 -28.06 -11.58 -24.83
N GLY D 181 -27.82 -10.33 -24.48
CA GLY D 181 -26.75 -9.94 -23.56
C GLY D 181 -25.40 -9.92 -24.24
N GLN D 182 -25.33 -10.29 -25.52
CA GLN D 182 -24.04 -10.36 -26.25
C GLN D 182 -23.70 -8.97 -26.79
N CYS D 183 -22.41 -8.76 -27.02
CA CYS D 183 -21.83 -7.45 -27.44
C CYS D 183 -21.83 -7.37 -28.96
N LEU D 184 -22.47 -6.34 -29.54
CA LEU D 184 -22.60 -6.18 -31.00
C LEU D 184 -21.35 -5.49 -31.56
N LYS D 185 -21.00 -4.30 -31.06
CA LYS D 185 -19.76 -3.57 -31.45
C LYS D 185 -19.00 -3.22 -30.17
N THR D 186 -17.68 -3.06 -30.28
CA THR D 186 -16.81 -2.53 -29.20
C THR D 186 -15.88 -1.48 -29.80
N LEU D 187 -16.08 -0.20 -29.45
CA LEU D 187 -15.30 0.96 -29.98
C LEU D 187 -13.89 0.93 -29.36
N ILE D 188 -12.85 0.83 -30.20
CA ILE D 188 -11.41 0.86 -29.80
C ILE D 188 -10.85 2.25 -30.15
N ASP D 189 -9.91 2.75 -29.33
CA ASP D 189 -9.22 4.07 -29.51
C ASP D 189 -7.76 3.82 -29.90
N ASP D 190 -7.06 4.87 -30.36
CA ASP D 190 -5.60 4.81 -30.68
C ASP D 190 -4.87 4.30 -29.42
N ASP D 191 -4.96 5.03 -28.30
CA ASP D 191 -4.57 4.55 -26.94
C ASP D 191 -5.76 3.80 -26.33
N ASN D 192 -5.76 3.56 -25.02
CA ASN D 192 -6.95 3.04 -24.30
C ASN D 192 -7.22 3.96 -23.12
N PRO D 193 -7.42 5.29 -23.36
CA PRO D 193 -7.73 6.20 -22.27
C PRO D 193 -8.95 5.67 -21.52
N PRO D 194 -8.90 5.59 -20.16
CA PRO D 194 -10.06 5.18 -19.38
C PRO D 194 -11.32 5.96 -19.81
N VAL D 195 -12.40 5.25 -20.10
CA VAL D 195 -13.67 5.92 -20.52
C VAL D 195 -14.53 6.13 -19.27
N SER D 196 -14.70 7.39 -18.86
CA SER D 196 -15.28 7.79 -17.55
C SER D 196 -16.77 8.07 -17.68
N PHE D 197 -17.30 8.20 -18.89
CA PHE D 197 -18.77 8.40 -19.07
C PHE D 197 -19.16 8.10 -20.52
N VAL D 198 -20.41 7.67 -20.70
CA VAL D 198 -21.00 7.40 -22.03
C VAL D 198 -22.53 7.48 -21.94
N LYS D 199 -23.14 7.85 -23.07
CA LYS D 199 -24.59 8.10 -23.22
C LYS D 199 -24.89 8.04 -24.72
N PHE D 200 -26.05 7.52 -25.10
CA PHE D 200 -26.64 7.61 -26.46
C PHE D 200 -27.19 9.02 -26.68
N SER D 201 -27.16 9.53 -27.92
CA SER D 201 -27.78 10.81 -28.36
C SER D 201 -29.27 10.80 -28.04
N PRO D 202 -29.97 11.94 -28.22
CA PRO D 202 -31.42 11.94 -28.10
C PRO D 202 -32.06 11.24 -29.32
N ASN D 203 -31.48 11.40 -30.52
CA ASN D 203 -31.95 10.67 -31.74
C ASN D 203 -31.71 9.17 -31.50
N GLY D 204 -30.46 8.81 -31.20
CA GLY D 204 -30.03 7.46 -30.81
C GLY D 204 -28.97 6.88 -31.74
N LYS D 205 -28.42 7.68 -32.67
CA LYS D 205 -27.53 7.18 -33.76
C LYS D 205 -26.05 7.38 -33.35
N TYR D 206 -25.79 8.25 -32.37
CA TYR D 206 -24.44 8.51 -31.83
C TYR D 206 -24.43 8.29 -30.31
N ILE D 207 -23.23 8.07 -29.76
CA ILE D 207 -23.01 8.03 -28.28
C ILE D 207 -22.04 9.16 -27.95
N LEU D 208 -22.12 9.67 -26.71
CA LEU D 208 -21.19 10.70 -26.16
C LEU D 208 -20.31 10.02 -25.12
N ALA D 209 -18.99 10.10 -25.27
CA ALA D 209 -18.02 9.37 -24.44
C ALA D 209 -16.98 10.33 -23.88
N ALA D 210 -16.84 10.33 -22.55
CA ALA D 210 -15.80 11.04 -21.78
C ALA D 210 -14.64 10.09 -21.50
N THR D 211 -13.43 10.50 -21.87
CA THR D 211 -12.15 9.80 -21.60
C THR D 211 -11.29 10.66 -20.66
N LEU D 212 -10.56 10.05 -19.72
CA LEU D 212 -9.75 10.76 -18.69
C LEU D 212 -8.46 11.36 -19.30
N ASP D 213 -8.52 11.86 -20.54
CA ASP D 213 -7.43 12.60 -21.23
C ASP D 213 -7.89 14.04 -21.48
N ASN D 214 -8.84 14.53 -20.65
CA ASN D 214 -9.43 15.91 -20.72
C ASN D 214 -10.14 16.09 -22.07
N THR D 215 -10.91 15.09 -22.50
CA THR D 215 -11.56 15.04 -23.84
C THR D 215 -12.97 14.43 -23.74
N LEU D 216 -13.89 14.95 -24.54
CA LEU D 216 -15.20 14.31 -24.83
C LEU D 216 -15.26 14.08 -26.34
N LYS D 217 -16.03 13.09 -26.76
CA LYS D 217 -16.10 12.63 -28.17
C LYS D 217 -17.53 12.19 -28.44
N LEU D 218 -18.06 12.60 -29.59
CA LEU D 218 -19.36 12.16 -30.15
C LEU D 218 -19.08 11.17 -31.29
N TRP D 219 -19.34 9.88 -31.05
CA TRP D 219 -19.12 8.77 -32.02
C TRP D 219 -20.43 8.42 -32.69
N ASP D 220 -20.43 8.30 -34.03
CA ASP D 220 -21.43 7.49 -34.77
C ASP D 220 -21.00 6.03 -34.60
N TYR D 221 -21.74 5.23 -33.82
CA TYR D 221 -21.32 3.86 -33.43
C TYR D 221 -21.47 2.94 -34.64
N SER D 222 -22.62 3.00 -35.33
CA SER D 222 -22.87 2.30 -36.63
C SER D 222 -21.67 2.49 -37.56
N LYS D 223 -21.35 3.73 -37.94
CA LYS D 223 -20.22 4.06 -38.85
C LYS D 223 -18.87 3.77 -38.16
N GLY D 224 -18.81 3.93 -36.83
CA GLY D 224 -17.55 3.88 -36.06
C GLY D 224 -16.63 5.04 -36.42
N LYS D 225 -17.20 6.17 -36.85
CA LYS D 225 -16.48 7.44 -37.13
C LYS D 225 -16.62 8.37 -35.91
N CYS D 226 -15.53 9.06 -35.55
CA CYS D 226 -15.53 10.19 -34.59
C CYS D 226 -15.98 11.47 -35.32
N LEU D 227 -17.15 11.99 -34.96
CA LEU D 227 -17.75 13.19 -35.60
C LEU D 227 -17.17 14.47 -34.97
N LYS D 228 -17.20 14.56 -33.65
CA LYS D 228 -16.77 15.78 -32.89
C LYS D 228 -15.76 15.41 -31.79
N THR D 229 -15.02 16.41 -31.33
CA THR D 229 -14.14 16.38 -30.12
C THR D 229 -14.38 17.68 -29.33
N TYR D 230 -14.53 17.60 -28.01
CA TYR D 230 -14.73 18.79 -27.12
C TYR D 230 -13.64 18.84 -26.05
N THR D 231 -12.90 19.96 -25.99
CA THR D 231 -11.72 20.14 -25.10
C THR D 231 -11.77 21.53 -24.45
N GLY D 232 -10.93 21.75 -23.43
CA GLY D 232 -10.73 23.03 -22.73
C GLY D 232 -10.88 22.89 -21.21
N HIS D 233 -11.52 21.81 -20.76
CA HIS D 233 -11.82 21.51 -19.32
C HIS D 233 -10.79 20.51 -18.78
N LYS D 234 -10.78 20.29 -17.46
CA LYS D 234 -9.91 19.32 -16.75
C LYS D 234 -10.73 18.10 -16.29
N ASN D 235 -10.47 16.94 -16.90
CA ASN D 235 -11.04 15.60 -16.52
C ASN D 235 -9.96 14.54 -16.74
N GLU D 236 -9.18 14.26 -15.69
CA GLU D 236 -8.01 13.35 -15.73
C GLU D 236 -8.11 12.29 -14.64
N LYS D 237 -9.13 12.31 -13.78
CA LYS D 237 -9.17 11.43 -12.58
C LYS D 237 -10.59 10.93 -12.31
N TYR D 238 -11.55 11.85 -12.19
CA TYR D 238 -12.95 11.55 -11.76
C TYR D 238 -13.80 11.26 -12.98
N CYS D 239 -14.89 10.51 -12.79
CA CYS D 239 -15.79 10.07 -13.88
C CYS D 239 -16.94 11.08 -13.98
N ILE D 240 -16.84 12.00 -14.95
CA ILE D 240 -17.67 13.25 -14.95
C ILE D 240 -18.78 13.11 -15.97
N PHE D 241 -20.02 13.09 -15.47
CA PHE D 241 -21.27 13.04 -16.28
C PHE D 241 -21.23 14.21 -17.27
N ALA D 242 -21.74 13.97 -18.48
CA ALA D 242 -21.98 14.97 -19.54
C ALA D 242 -23.44 14.85 -19.99
N ASN D 243 -23.90 15.79 -20.81
CA ASN D 243 -25.33 15.90 -21.20
C ASN D 243 -25.45 16.47 -22.62
N PHE D 244 -26.59 16.16 -23.24
CA PHE D 244 -27.12 16.85 -24.43
C PHE D 244 -28.12 17.90 -23.95
N SER D 245 -27.84 19.19 -24.19
CA SER D 245 -28.77 20.31 -23.90
C SER D 245 -29.51 20.65 -25.20
N VAL D 246 -30.83 20.54 -25.16
CA VAL D 246 -31.70 20.61 -26.37
C VAL D 246 -32.90 21.56 -26.16
N THR D 247 -33.20 21.97 -24.91
CA THR D 247 -34.39 22.80 -24.58
C THR D 247 -34.28 24.20 -25.21
N GLY D 248 -33.05 24.68 -25.43
CA GLY D 248 -32.75 25.85 -26.27
C GLY D 248 -31.89 25.41 -27.44
N GLY D 249 -30.71 26.02 -27.61
CA GLY D 249 -29.71 25.59 -28.62
C GLY D 249 -29.15 24.21 -28.34
N LYS D 250 -28.43 23.65 -29.32
CA LYS D 250 -27.77 22.33 -29.19
C LYS D 250 -26.43 22.54 -28.47
N TRP D 251 -26.40 22.34 -27.15
CA TRP D 251 -25.17 22.40 -26.33
C TRP D 251 -24.78 21.00 -25.86
N ILE D 252 -23.46 20.78 -25.70
CA ILE D 252 -22.84 19.70 -24.87
C ILE D 252 -22.46 20.33 -23.53
N VAL D 253 -22.89 19.73 -22.42
CA VAL D 253 -22.68 20.23 -21.02
C VAL D 253 -21.89 19.17 -20.23
N SER D 254 -20.76 19.56 -19.63
CA SER D 254 -19.92 18.70 -18.77
C SER D 254 -19.47 19.52 -17.55
N GLY D 255 -19.21 18.82 -16.43
CA GLY D 255 -18.44 19.35 -15.30
C GLY D 255 -16.95 19.34 -15.59
N SER D 256 -16.12 19.71 -14.61
CA SER D 256 -14.64 19.73 -14.71
C SER D 256 -13.98 19.66 -13.33
N GLU D 257 -12.68 19.41 -13.31
CA GLU D 257 -11.83 19.32 -12.09
C GLU D 257 -11.25 20.69 -11.73
N ASP D 258 -11.54 21.72 -12.55
CA ASP D 258 -11.29 23.14 -12.22
C ASP D 258 -12.61 23.78 -11.71
N ASN D 259 -13.49 22.99 -11.10
CA ASN D 259 -14.68 23.40 -10.33
C ASN D 259 -15.65 24.22 -11.20
N LEU D 260 -15.49 24.14 -12.53
CA LEU D 260 -16.35 24.84 -13.53
C LEU D 260 -17.29 23.86 -14.25
N VAL D 261 -18.45 24.38 -14.67
CA VAL D 261 -19.38 23.72 -15.65
C VAL D 261 -19.09 24.30 -17.03
N TYR D 262 -18.58 23.50 -17.97
CA TYR D 262 -18.26 23.90 -19.35
C TYR D 262 -19.45 23.56 -20.25
N ILE D 263 -19.71 24.42 -21.25
CA ILE D 263 -20.85 24.31 -22.22
C ILE D 263 -20.30 24.61 -23.61
N TRP D 264 -20.36 23.64 -24.53
CA TRP D 264 -19.85 23.76 -25.93
C TRP D 264 -21.03 23.89 -26.89
N ASN D 265 -20.79 24.48 -28.06
CA ASN D 265 -21.74 24.39 -29.20
C ASN D 265 -21.52 23.03 -29.85
N LEU D 266 -22.47 22.11 -29.65
CA LEU D 266 -22.40 20.72 -30.17
C LEU D 266 -21.71 20.73 -31.54
N GLN D 267 -22.11 21.63 -32.44
CA GLN D 267 -21.71 21.61 -33.88
C GLN D 267 -20.35 22.28 -34.09
N THR D 268 -20.09 23.49 -33.56
CA THR D 268 -18.80 24.19 -33.80
C THR D 268 -17.71 23.60 -32.94
N LYS D 269 -18.06 23.02 -31.78
CA LYS D 269 -17.13 22.44 -30.77
C LYS D 269 -16.43 23.57 -29.99
N GLU D 270 -16.84 24.82 -30.21
CA GLU D 270 -16.29 26.02 -29.50
C GLU D 270 -16.99 26.12 -28.14
N ILE D 271 -16.23 26.49 -27.10
CA ILE D 271 -16.77 26.72 -25.73
C ILE D 271 -17.60 28.01 -25.78
N VAL D 272 -18.86 27.93 -25.36
CA VAL D 272 -19.83 29.07 -25.36
C VAL D 272 -20.03 29.61 -23.93
N GLN D 273 -19.77 28.82 -22.89
CA GLN D 273 -19.91 29.28 -21.48
C GLN D 273 -19.08 28.39 -20.55
N LYS D 274 -18.55 29.00 -19.48
CA LYS D 274 -18.04 28.31 -18.27
C LYS D 274 -18.78 28.90 -17.07
N LEU D 275 -19.52 28.08 -16.31
CA LEU D 275 -20.30 28.56 -15.13
C LEU D 275 -19.41 28.47 -13.89
N GLN D 276 -19.23 29.60 -13.19
CA GLN D 276 -18.35 29.75 -12.00
C GLN D 276 -19.21 29.73 -10.73
N GLY D 277 -18.72 29.15 -9.64
CA GLY D 277 -19.48 29.06 -8.36
C GLY D 277 -18.97 27.97 -7.43
N HIS D 278 -18.70 26.78 -7.97
CA HIS D 278 -18.39 25.56 -7.16
C HIS D 278 -16.95 25.63 -6.61
N THR D 279 -16.74 25.10 -5.40
CA THR D 279 -15.45 25.15 -4.64
C THR D 279 -14.65 23.84 -4.82
N ASP D 280 -15.19 22.87 -5.56
CA ASP D 280 -14.59 21.53 -5.79
C ASP D 280 -15.01 21.02 -7.18
N VAL D 281 -14.38 19.94 -7.63
CA VAL D 281 -14.69 19.25 -8.92
C VAL D 281 -16.20 19.13 -9.04
N VAL D 282 -16.74 19.48 -10.22
CA VAL D 282 -18.16 19.29 -10.62
C VAL D 282 -18.27 17.90 -11.30
N ILE D 283 -18.81 16.91 -10.59
CA ILE D 283 -18.80 15.47 -11.00
C ILE D 283 -20.01 15.22 -11.90
N SER D 284 -21.17 15.73 -11.50
CA SER D 284 -22.48 15.49 -12.15
C SER D 284 -23.05 16.82 -12.62
N THR D 285 -23.54 16.87 -13.87
CA THR D 285 -24.41 17.94 -14.42
C THR D 285 -25.72 17.28 -14.87
N ALA D 286 -26.82 18.04 -14.95
CA ALA D 286 -28.15 17.59 -15.43
C ALA D 286 -28.84 18.71 -16.18
N CYS D 287 -29.45 18.43 -17.34
CA CYS D 287 -30.21 19.42 -18.14
C CYS D 287 -31.70 19.14 -17.99
N HIS D 288 -32.51 20.15 -17.69
CA HIS D 288 -33.98 20.00 -17.51
C HIS D 288 -34.60 19.46 -18.80
N PRO D 289 -35.61 18.55 -18.72
CA PRO D 289 -36.26 18.03 -19.93
C PRO D 289 -36.89 19.08 -20.86
N THR D 290 -37.44 20.17 -20.32
CA THR D 290 -38.35 21.12 -21.03
C THR D 290 -37.67 22.51 -21.08
N GLU D 291 -37.31 23.10 -19.93
CA GLU D 291 -36.83 24.51 -19.81
C GLU D 291 -35.30 24.57 -19.85
N ASN D 292 -34.73 25.71 -20.26
CA ASN D 292 -33.27 25.98 -20.34
C ASN D 292 -32.63 26.03 -18.94
N ILE D 293 -32.57 24.91 -18.21
CA ILE D 293 -32.12 24.84 -16.79
C ILE D 293 -31.08 23.73 -16.60
N ILE D 294 -29.97 24.04 -15.93
CA ILE D 294 -28.92 23.02 -15.56
C ILE D 294 -28.91 22.84 -14.04
N ALA D 295 -28.66 21.61 -13.57
CA ALA D 295 -28.20 21.33 -12.20
C ALA D 295 -26.75 20.89 -12.28
N SER D 296 -25.90 21.40 -11.39
CA SER D 296 -24.50 20.95 -11.20
C SER D 296 -24.28 20.60 -9.73
N ALA D 297 -23.45 19.59 -9.48
CA ALA D 297 -23.06 19.09 -8.16
C ALA D 297 -21.56 18.83 -8.13
N ALA D 298 -20.95 19.06 -6.97
CA ALA D 298 -19.49 18.98 -6.75
C ALA D 298 -19.21 18.17 -5.49
N LEU D 299 -17.93 17.87 -5.26
CA LEU D 299 -17.48 16.85 -4.28
C LEU D 299 -17.31 17.49 -2.89
N GLU D 300 -16.34 17.01 -2.11
CA GLU D 300 -16.27 17.13 -0.63
C GLU D 300 -16.07 18.60 -0.21
N ASN D 301 -15.24 19.35 -0.95
CA ASN D 301 -14.88 20.77 -0.64
C ASN D 301 -16.00 21.72 -1.11
N ASP D 302 -17.06 21.20 -1.73
CA ASP D 302 -18.28 21.98 -2.11
C ASP D 302 -19.47 21.40 -1.33
N LYS D 303 -19.99 20.24 -1.74
CA LYS D 303 -21.11 19.53 -1.07
C LYS D 303 -22.43 20.22 -1.40
N THR D 304 -22.48 21.00 -2.49
CA THR D 304 -23.66 21.82 -2.87
C THR D 304 -24.15 21.43 -4.27
N ILE D 305 -25.45 21.58 -4.52
CA ILE D 305 -26.03 21.55 -5.90
C ILE D 305 -26.33 23.00 -6.29
N LYS D 306 -26.08 23.35 -7.54
CA LYS D 306 -26.42 24.69 -8.07
C LYS D 306 -27.31 24.52 -9.32
N LEU D 307 -28.45 25.22 -9.35
CA LEU D 307 -29.37 25.33 -10.51
C LEU D 307 -29.10 26.63 -11.26
N TRP D 308 -29.09 26.58 -12.60
CA TRP D 308 -28.86 27.75 -13.49
C TRP D 308 -29.96 27.80 -14.55
N LYS D 309 -30.23 29.00 -15.11
CA LYS D 309 -31.33 29.27 -16.09
C LYS D 309 -30.79 30.20 -17.20
N SER D 310 -31.37 30.11 -18.42
CA SER D 310 -30.92 30.77 -19.67
C SER D 310 -32.11 31.29 -20.50
N ASP D 311 -31.96 31.47 -21.83
CA ASP D 311 -32.98 32.09 -22.72
C ASP D 311 -32.97 31.42 -24.12
#